data_6W7T
#
_entry.id   6W7T
#
_cell.length_a   108.302
_cell.length_b   121.152
_cell.length_c   129.664
_cell.angle_alpha   90.000
_cell.angle_beta   90.000
_cell.angle_gamma   90.000
#
_symmetry.space_group_name_H-M   'P 21 21 21'
#
_entity_poly.entity_id   1
_entity_poly.type   'polypeptide(L)'
_entity_poly.pdbx_seq_one_letter_code
;MSDEKVVSIGAAPLSAKEKLDLYCEGLADGLNKTQAYVAAGFSPNHAQRNVAAYHRKHSEYINAFISERIGSHVPMALRV
IVSIAEDPNEKGGIRLKAAQDILDRGGFGAKQKVELTTKNVEDMSAEDLMNEVRRILDEEPDLAKVLSFPTA
;
_entity_poly.pdbx_strand_id   I,A,B,C,D,E,F,G,H
#
# COMPACT_ATOMS: atom_id res chain seq x y z
N PRO A 13 19.53 33.75 37.47
CA PRO A 13 19.63 34.82 36.48
C PRO A 13 19.59 34.33 35.02
N LEU A 14 18.47 33.74 34.60
CA LEU A 14 18.25 33.38 33.19
C LEU A 14 16.75 33.26 32.93
N SER A 15 16.36 33.56 31.69
CA SER A 15 14.97 33.78 31.28
C SER A 15 14.03 32.63 31.65
N ALA A 16 12.73 32.92 31.72
CA ALA A 16 11.74 31.84 31.74
C ALA A 16 11.86 30.98 30.49
N LYS A 17 12.33 31.58 29.39
CA LYS A 17 12.53 30.82 28.16
C LYS A 17 13.70 29.84 28.30
N GLU A 18 14.75 30.25 29.02
CA GLU A 18 15.88 29.35 29.20
C GLU A 18 15.53 28.23 30.19
N LYS A 19 14.75 28.57 31.22
CA LYS A 19 14.28 27.54 32.15
C LYS A 19 13.35 26.56 31.45
N LEU A 20 12.52 27.05 30.53
CA LEU A 20 11.65 26.18 29.76
C LEU A 20 12.46 25.28 28.83
N ASP A 21 13.52 25.82 28.21
CA ASP A 21 14.33 25.00 27.32
C ASP A 21 15.08 23.91 28.08
N LEU A 22 15.57 24.24 29.27
CA LEU A 22 16.24 23.21 30.07
C LEU A 22 15.24 22.16 30.54
N TYR A 23 14.02 22.58 30.91
CA TYR A 23 13.00 21.61 31.31
C TYR A 23 12.65 20.69 30.15
N CYS A 24 12.53 21.23 28.93
CA CYS A 24 12.22 20.40 27.77
C CYS A 24 13.35 19.44 27.41
N GLU A 25 14.61 19.92 27.49
CA GLU A 25 15.72 19.01 27.21
C GLU A 25 15.78 17.89 28.24
N GLY A 26 15.54 18.23 29.51
CA GLY A 26 15.48 17.20 30.53
C GLY A 26 14.32 16.25 30.33
N LEU A 27 13.21 16.77 29.78
CA LEU A 27 12.06 15.93 29.44
C LEU A 27 12.37 15.02 28.27
N ALA A 28 13.27 15.45 27.39
CA ALA A 28 13.70 14.60 26.27
C ALA A 28 14.42 13.35 26.78
N ASP A 29 15.34 13.53 27.72
CA ASP A 29 16.12 12.39 28.25
C ASP A 29 15.60 11.97 29.63
N GLY A 30 15.33 12.92 30.53
CA GLY A 30 14.92 12.60 31.92
C GLY A 30 13.44 12.39 31.98
N LEU A 31 13.03 11.15 32.18
CA LEU A 31 11.59 10.86 32.05
C LEU A 31 10.70 11.59 33.07
N ASN A 32 11.07 11.61 34.34
CA ASN A 32 10.10 12.18 35.30
C ASN A 32 9.84 13.62 34.89
N LYS A 33 8.58 14.01 34.91
CA LYS A 33 8.25 15.43 34.68
C LYS A 33 8.84 16.16 35.86
N THR A 34 8.49 15.70 37.07
CA THR A 34 9.00 16.42 38.23
C THR A 34 10.53 16.43 38.27
N GLN A 35 11.16 15.33 37.85
CA GLN A 35 12.62 15.30 37.82
C GLN A 35 13.16 16.33 36.82
N ALA A 36 12.59 16.40 35.62
CA ALA A 36 13.03 17.40 34.65
C ALA A 36 12.69 18.82 35.10
N TYR A 37 11.61 18.96 35.87
CA TYR A 37 11.23 20.25 36.42
C TYR A 37 12.26 20.76 37.41
N VAL A 38 12.62 19.94 38.41
CA VAL A 38 13.61 20.40 39.39
C VAL A 38 15.00 20.44 38.79
N ALA A 39 15.28 19.64 37.75
CA ALA A 39 16.57 19.78 37.09
C ALA A 39 16.62 21.03 36.24
N ALA A 40 15.46 21.57 35.87
CA ALA A 40 15.45 22.84 35.17
C ALA A 40 15.70 24.00 36.11
N GLY A 41 15.56 23.77 37.41
CA GLY A 41 15.82 24.80 38.39
C GLY A 41 14.59 25.53 38.92
N PHE A 42 13.57 24.77 39.32
CA PHE A 42 12.36 25.36 39.89
C PHE A 42 12.22 24.91 41.34
N SER A 43 11.12 25.32 41.96
CA SER A 43 10.93 25.05 43.36
C SER A 43 10.66 23.57 43.60
N PRO A 44 11.50 22.89 44.40
CA PRO A 44 11.30 21.46 44.66
C PRO A 44 10.19 21.17 45.64
N ASN A 45 9.64 22.20 46.30
CA ASN A 45 8.64 21.94 47.33
C ASN A 45 7.27 21.66 46.72
N HIS A 46 6.81 22.50 45.82
CA HIS A 46 5.58 22.22 45.11
C HIS A 46 5.89 22.14 43.63
N ALA A 47 6.12 20.91 43.19
CA ALA A 47 6.57 20.54 41.85
C ALA A 47 5.53 19.75 41.09
N GLN A 48 4.91 18.75 41.74
CA GLN A 48 4.07 17.77 41.08
C GLN A 48 2.77 18.39 40.56
N ARG A 49 2.26 19.41 41.26
CA ARG A 49 1.09 20.14 40.79
C ARG A 49 1.51 21.24 39.82
N ASN A 50 2.63 21.90 40.14
CA ASN A 50 3.06 23.03 39.32
C ASN A 50 3.62 22.55 38.00
N VAL A 51 4.22 21.35 37.96
CA VAL A 51 4.71 20.82 36.70
C VAL A 51 3.52 20.47 35.80
N ALA A 52 2.42 20.01 36.38
CA ALA A 52 1.23 19.72 35.58
C ALA A 52 0.68 21.00 34.95
N ALA A 53 0.54 22.06 35.75
CA ALA A 53 0.05 23.33 35.20
C ALA A 53 1.03 23.90 34.15
N TYR A 54 2.33 23.87 34.46
CA TYR A 54 3.37 24.36 33.57
C TYR A 54 3.39 23.60 32.23
N HIS A 55 3.29 22.27 32.28
CA HIS A 55 3.29 21.51 31.04
C HIS A 55 2.03 21.75 30.24
N ARG A 56 0.86 21.72 30.91
CA ARG A 56 -0.37 21.96 30.16
C ARG A 56 -0.41 23.35 29.58
N LYS A 57 0.38 24.29 30.12
CA LYS A 57 0.42 25.64 29.58
C LYS A 57 1.25 25.73 28.30
N HIS A 58 2.46 25.17 28.31
CA HIS A 58 3.44 25.39 27.25
C HIS A 58 3.49 24.21 26.28
N SER A 59 2.34 23.59 26.00
CA SER A 59 2.31 22.37 25.20
C SER A 59 2.91 22.58 23.81
N GLU A 60 2.52 23.69 23.15
CA GLU A 60 2.94 23.90 21.77
C GLU A 60 4.46 24.05 21.66
N TYR A 61 5.08 24.73 22.63
CA TYR A 61 6.53 24.90 22.60
C TYR A 61 7.26 23.56 22.82
N ILE A 62 6.77 22.72 23.75
CA ILE A 62 7.41 21.43 23.97
C ILE A 62 7.31 20.55 22.73
N ASN A 63 6.15 20.57 22.05
CA ASN A 63 6.03 19.79 20.82
C ASN A 63 6.98 20.32 19.74
N ALA A 64 7.10 21.64 19.63
CA ALA A 64 8.04 22.22 18.67
C ALA A 64 9.47 21.82 18.99
N PHE A 65 9.82 21.80 20.27
CA PHE A 65 11.17 21.39 20.65
C PHE A 65 11.44 19.94 20.27
N ILE A 66 10.45 19.07 20.46
CA ILE A 66 10.64 17.66 20.15
C ILE A 66 10.83 17.48 18.64
N SER A 67 10.09 18.27 17.84
CA SER A 67 10.31 18.23 16.40
C SER A 67 11.67 18.81 16.03
N GLU A 68 12.17 19.77 16.81
CA GLU A 68 13.51 20.31 16.58
C GLU A 68 14.57 19.24 16.85
N ARG A 69 14.38 18.44 17.90
CA ARG A 69 15.33 17.39 18.25
C ARG A 69 15.33 16.29 17.17
N ILE A 70 14.14 15.99 16.63
CA ILE A 70 14.07 15.02 15.54
C ILE A 70 14.92 15.50 14.37
N GLY A 71 14.82 16.79 14.03
CA GLY A 71 15.72 17.30 13.01
C GLY A 71 17.18 17.33 13.45
N SER A 72 17.43 17.41 14.76
CA SER A 72 18.81 17.38 15.24
C SER A 72 19.48 16.05 14.99
N HIS A 73 18.70 14.98 14.85
CA HIS A 73 19.34 13.68 14.67
C HIS A 73 19.51 13.26 13.21
N VAL A 74 19.11 14.08 12.24
CA VAL A 74 19.11 13.66 10.84
C VAL A 74 20.49 13.43 10.21
N PRO A 75 21.57 14.17 10.56
CA PRO A 75 22.86 13.86 9.92
C PRO A 75 23.36 12.46 10.23
N MET A 76 23.10 11.98 11.44
CA MET A 76 23.40 10.60 11.79
C MET A 76 22.67 9.65 10.84
N ALA A 77 21.37 9.90 10.63
CA ALA A 77 20.57 9.05 9.74
C ALA A 77 21.10 9.07 8.32
N LEU A 78 21.49 10.25 7.83
CA LEU A 78 22.05 10.32 6.48
C LEU A 78 23.33 9.53 6.39
N ARG A 79 24.21 9.66 7.39
CA ARG A 79 25.46 8.90 7.37
C ARG A 79 25.19 7.40 7.34
N VAL A 80 24.23 6.94 8.15
CA VAL A 80 23.92 5.51 8.17
C VAL A 80 23.39 5.05 6.82
N ILE A 81 22.48 5.83 6.21
CA ILE A 81 21.89 5.39 4.96
C ILE A 81 22.92 5.35 3.84
N VAL A 82 23.77 6.38 3.75
CA VAL A 82 24.80 6.38 2.71
C VAL A 82 25.84 5.29 2.97
N SER A 83 26.20 5.06 4.23
CA SER A 83 27.18 4.02 4.57
C SER A 83 26.67 2.63 4.24
N ILE A 84 25.39 2.35 4.53
CA ILE A 84 24.82 1.06 4.17
C ILE A 84 24.74 0.93 2.66
N ALA A 85 24.51 2.05 1.96
CA ALA A 85 24.51 2.00 0.49
C ALA A 85 25.89 1.68 -0.06
N GLU A 86 26.95 2.13 0.64
CA GLU A 86 28.32 1.96 0.21
C GLU A 86 29.00 0.71 0.79
N ASP A 87 28.31 -0.06 1.62
CA ASP A 87 28.90 -1.27 2.23
C ASP A 87 29.06 -2.36 1.18
N PRO A 88 30.28 -2.80 0.87
CA PRO A 88 30.45 -3.79 -0.21
C PRO A 88 29.99 -5.20 0.16
N ASN A 89 29.93 -5.58 1.44
CA ASN A 89 29.56 -6.93 1.83
C ASN A 89 28.14 -7.02 2.39
N GLU A 90 27.27 -6.07 2.06
CA GLU A 90 25.89 -6.10 2.53
C GLU A 90 24.99 -6.78 1.50
N LYS A 91 23.86 -7.31 1.99
CA LYS A 91 22.90 -7.97 1.11
C LYS A 91 22.42 -7.03 0.02
N GLY A 92 22.05 -7.62 -1.12
CA GLY A 92 21.65 -6.82 -2.26
C GLY A 92 20.39 -6.01 -1.99
N GLY A 93 19.39 -6.63 -1.36
CA GLY A 93 18.12 -5.95 -1.15
C GLY A 93 18.26 -4.70 -0.31
N ILE A 94 19.12 -4.75 0.71
CA ILE A 94 19.27 -3.60 1.60
C ILE A 94 20.00 -2.46 0.89
N ARG A 95 21.06 -2.79 0.16
CA ARG A 95 21.74 -1.79 -0.68
C ARG A 95 20.77 -1.17 -1.67
N LEU A 96 19.93 -2.00 -2.27
CA LEU A 96 18.95 -1.51 -3.25
C LEU A 96 17.97 -0.54 -2.60
N LYS A 97 17.45 -0.90 -1.42
CA LYS A 97 16.52 -0.01 -0.74
C LYS A 97 17.16 1.32 -0.36
N ALA A 98 18.42 1.29 0.08
CA ALA A 98 19.09 2.55 0.44
C ALA A 98 19.35 3.42 -0.80
N ALA A 99 19.81 2.82 -1.90
CA ALA A 99 20.05 3.58 -3.11
C ALA A 99 18.76 4.16 -3.66
N GLN A 100 17.68 3.36 -3.65
CA GLN A 100 16.37 3.84 -4.04
C GLN A 100 15.94 5.02 -3.17
N ASP A 101 16.18 4.92 -1.86
CA ASP A 101 15.74 5.95 -0.92
C ASP A 101 16.46 7.28 -1.17
N ILE A 102 17.78 7.24 -1.33
CA ILE A 102 18.47 8.51 -1.56
C ILE A 102 18.14 9.05 -2.94
N LEU A 103 17.87 8.18 -3.92
CA LEU A 103 17.47 8.70 -5.23
C LEU A 103 16.10 9.39 -5.13
N ASP A 104 15.19 8.83 -4.32
CA ASP A 104 13.88 9.45 -4.15
C ASP A 104 13.98 10.78 -3.43
N ARG A 105 14.81 10.87 -2.38
CA ARG A 105 14.99 12.15 -1.71
C ARG A 105 15.73 13.16 -2.58
N GLY A 106 16.48 12.70 -3.58
CA GLY A 106 17.11 13.62 -4.52
C GLY A 106 16.15 14.23 -5.53
N GLY A 107 14.97 13.64 -5.70
CA GLY A 107 13.95 14.22 -6.55
C GLY A 107 13.64 13.40 -7.79
N PHE A 108 13.57 12.07 -7.62
CA PHE A 108 13.36 11.14 -8.76
C PHE A 108 12.22 10.15 -8.46
N GLY A 109 11.64 9.53 -9.51
CA GLY A 109 10.53 8.58 -9.35
C GLY A 109 9.23 9.15 -9.89
N ALA A 110 8.54 8.46 -10.81
CA ALA A 110 7.32 9.02 -11.45
C ALA A 110 6.16 8.04 -11.39
N LYS A 111 4.92 8.51 -11.51
CA LYS A 111 3.77 7.59 -11.36
C LYS A 111 2.56 8.11 -12.14
N GLN A 112 2.01 7.29 -13.06
CA GLN A 112 0.96 7.83 -13.94
C GLN A 112 -0.35 7.19 -13.53
N LYS A 113 -1.45 7.93 -13.57
CA LYS A 113 -2.78 7.37 -13.27
C LYS A 113 -3.72 7.89 -14.36
N VAL A 114 -4.43 7.03 -15.08
CA VAL A 114 -5.52 7.59 -15.90
C VAL A 114 -6.85 7.40 -15.17
N GLU A 115 -7.66 8.45 -15.16
CA GLU A 115 -8.95 8.49 -14.46
C GLU A 115 -10.10 8.44 -15.46
N LEU A 116 -11.22 7.87 -15.01
CA LEU A 116 -12.47 7.87 -15.78
C LEU A 116 -13.62 7.92 -14.78
N THR A 117 -14.29 9.07 -14.71
CA THR A 117 -15.33 9.33 -13.71
C THR A 117 -16.72 9.17 -14.34
N THR A 118 -17.46 8.18 -13.86
CA THR A 118 -18.85 7.93 -14.26
C THR A 118 -19.76 8.40 -13.13
N LYS A 119 -20.21 9.65 -13.22
CA LYS A 119 -21.03 10.24 -12.15
C LYS A 119 -22.47 9.72 -12.19
N SER B 15 37.25 31.00 9.43
CA SER B 15 37.25 30.32 10.76
C SER B 15 35.82 30.07 11.20
N ALA B 16 34.97 31.10 11.20
CA ALA B 16 33.58 30.95 11.69
C ALA B 16 32.80 29.97 10.81
N LYS B 17 32.95 30.10 9.49
CA LYS B 17 32.26 29.17 8.56
C LYS B 17 32.81 27.78 8.82
N GLU B 18 34.12 27.67 9.02
CA GLU B 18 34.75 26.33 9.19
C GLU B 18 34.13 25.68 10.42
N LYS B 19 33.95 26.46 11.48
CA LYS B 19 33.42 25.87 12.73
C LYS B 19 31.94 25.56 12.53
N LEU B 20 31.24 26.38 11.74
CA LEU B 20 29.83 26.14 11.49
C LEU B 20 29.59 24.81 10.77
N ASP B 21 30.28 24.57 9.65
CA ASP B 21 30.08 23.29 8.97
C ASP B 21 30.75 22.12 9.69
N LEU B 22 31.86 22.35 10.40
CA LEU B 22 32.49 21.27 11.16
C LEU B 22 31.60 20.81 12.31
N TYR B 23 30.88 21.73 12.95
CA TYR B 23 29.91 21.34 13.98
C TYR B 23 28.85 20.39 13.42
N CYS B 24 28.38 20.67 12.20
CA CYS B 24 27.38 19.81 11.57
C CYS B 24 27.97 18.45 11.20
N GLU B 25 29.19 18.42 10.66
CA GLU B 25 29.82 17.13 10.36
C GLU B 25 30.10 16.33 11.63
N GLY B 26 30.47 17.01 12.72
CA GLY B 26 30.63 16.34 14.00
C GLY B 26 29.32 15.78 14.52
N LEU B 27 28.21 16.47 14.23
CA LEU B 27 26.89 15.91 14.54
C LEU B 27 26.58 14.72 13.64
N ALA B 28 27.08 14.74 12.41
CA ALA B 28 26.92 13.63 11.50
C ALA B 28 27.76 12.43 11.92
N ASP B 29 28.83 12.66 12.67
CA ASP B 29 29.77 11.62 13.07
C ASP B 29 29.48 11.05 14.46
N GLY B 30 29.21 11.88 15.45
CA GLY B 30 29.00 11.38 16.80
C GLY B 30 27.74 11.90 17.45
N LEU B 31 27.01 12.74 16.72
CA LEU B 31 25.64 13.15 17.03
C LEU B 31 25.42 13.62 18.47
N ASN B 32 26.05 14.76 18.79
CA ASN B 32 25.65 15.49 19.97
C ASN B 32 26.02 16.96 19.80
N LYS B 33 25.04 17.83 20.02
CA LYS B 33 25.23 19.25 19.72
C LYS B 33 26.24 19.91 20.65
N THR B 34 26.15 19.69 21.96
CA THR B 34 27.17 20.28 22.83
C THR B 34 28.53 19.66 22.56
N GLN B 35 28.56 18.35 22.27
CA GLN B 35 29.81 17.68 21.93
C GLN B 35 30.39 18.22 20.63
N ALA B 36 29.57 18.33 19.58
CA ALA B 36 30.06 18.86 18.32
C ALA B 36 30.40 20.34 18.41
N TYR B 37 29.73 21.09 19.30
CA TYR B 37 30.08 22.49 19.51
C TYR B 37 31.47 22.61 20.11
N VAL B 38 31.75 21.83 21.17
CA VAL B 38 33.07 21.92 21.78
C VAL B 38 34.13 21.34 20.85
N ALA B 39 33.75 20.43 19.95
CA ALA B 39 34.67 19.92 18.95
C ALA B 39 34.85 20.86 17.75
N ALA B 40 33.95 21.83 17.56
CA ALA B 40 34.04 22.69 16.38
C ALA B 40 35.07 23.80 16.48
N GLY B 41 35.52 24.16 17.69
CA GLY B 41 36.55 25.17 17.84
C GLY B 41 36.06 26.58 18.13
N PHE B 42 35.08 26.71 19.02
CA PHE B 42 34.53 27.95 19.55
C PHE B 42 34.71 27.96 21.06
N SER B 43 34.00 28.83 21.77
CA SER B 43 34.22 28.94 23.22
C SER B 43 33.81 27.65 23.90
N PRO B 44 34.74 26.94 24.55
CA PRO B 44 34.41 25.65 25.19
C PRO B 44 33.77 25.81 26.56
N ASN B 45 33.74 27.01 27.13
CA ASN B 45 33.30 27.17 28.50
C ASN B 45 31.79 27.14 28.63
N HIS B 46 31.09 27.96 27.84
CA HIS B 46 29.63 27.92 27.79
C HIS B 46 29.17 27.08 26.60
N ALA B 47 28.43 26.02 26.90
CA ALA B 47 28.07 25.00 25.92
C ALA B 47 26.58 24.93 25.65
N GLN B 48 25.76 24.79 26.70
CA GLN B 48 24.36 24.44 26.51
C GLN B 48 23.54 25.60 25.95
N ARG B 49 23.89 26.84 26.28
CA ARG B 49 23.15 27.99 25.76
C ARG B 49 23.62 28.43 24.37
N ASN B 50 24.93 28.40 24.15
CA ASN B 50 25.47 28.96 22.92
C ASN B 50 25.19 28.03 21.75
N VAL B 51 25.22 26.71 21.98
CA VAL B 51 24.88 25.77 20.92
C VAL B 51 23.40 25.88 20.57
N ALA B 52 22.55 26.10 21.57
CA ALA B 52 21.12 26.24 21.29
C ALA B 52 20.88 27.46 20.41
N ALA B 53 21.49 28.59 20.75
CA ALA B 53 21.31 29.77 19.92
C ALA B 53 21.88 29.56 18.52
N TYR B 54 23.09 29.00 18.43
CA TYR B 54 23.73 28.80 17.14
C TYR B 54 22.90 27.88 16.24
N HIS B 55 22.39 26.78 16.80
CA HIS B 55 21.61 25.84 16.02
C HIS B 55 20.28 26.46 15.59
N ARG B 56 19.64 27.19 16.49
CA ARG B 56 18.33 27.75 16.12
C ARG B 56 18.51 28.78 15.00
N LYS B 57 19.64 29.46 14.97
CA LYS B 57 19.78 30.50 13.95
C LYS B 57 19.87 29.90 12.55
N HIS B 58 20.70 28.87 12.38
CA HIS B 58 21.07 28.36 11.06
C HIS B 58 20.31 27.08 10.67
N SER B 59 19.04 26.97 11.06
CA SER B 59 18.28 25.77 10.70
C SER B 59 18.19 25.61 9.19
N GLU B 60 17.87 26.69 8.48
CA GLU B 60 17.78 26.62 7.03
C GLU B 60 19.13 26.28 6.41
N TYR B 61 20.21 26.80 7.00
CA TYR B 61 21.54 26.48 6.49
C TYR B 61 21.88 25.00 6.63
N ILE B 62 21.61 24.39 7.79
CA ILE B 62 21.89 22.97 7.93
C ILE B 62 20.98 22.16 7.00
N ASN B 63 19.72 22.58 6.85
CA ASN B 63 18.82 21.84 5.97
C ASN B 63 19.28 21.92 4.52
N ALA B 64 19.70 23.11 4.07
CA ALA B 64 20.24 23.24 2.72
C ALA B 64 21.53 22.45 2.56
N PHE B 65 22.39 22.48 3.59
CA PHE B 65 23.65 21.74 3.50
C PHE B 65 23.41 20.24 3.36
N ILE B 66 22.50 19.69 4.17
CA ILE B 66 22.24 18.26 4.10
C ILE B 66 21.52 17.92 2.80
N SER B 67 20.67 18.82 2.29
CA SER B 67 20.04 18.54 1.00
C SER B 67 21.07 18.54 -0.12
N GLU B 68 22.12 19.36 0.00
CA GLU B 68 23.25 19.30 -0.93
C GLU B 68 24.07 18.02 -0.77
N ARG B 69 24.24 17.57 0.48
CA ARG B 69 24.98 16.32 0.73
C ARG B 69 24.24 15.12 0.17
N ILE B 70 22.90 15.15 0.22
CA ILE B 70 22.09 14.10 -0.41
C ILE B 70 22.31 14.11 -1.92
N GLY B 71 22.32 15.29 -2.54
CA GLY B 71 22.59 15.37 -3.95
C GLY B 71 23.99 14.92 -4.33
N SER B 72 24.93 14.99 -3.38
CA SER B 72 26.27 14.49 -3.66
C SER B 72 26.31 12.97 -3.87
N HIS B 73 25.35 12.23 -3.30
CA HIS B 73 25.40 10.77 -3.30
C HIS B 73 24.52 10.10 -4.34
N VAL B 74 23.79 10.85 -5.16
CA VAL B 74 22.86 10.21 -6.10
C VAL B 74 23.60 9.42 -7.18
N PRO B 75 24.77 9.87 -7.70
CA PRO B 75 25.45 9.01 -8.68
C PRO B 75 25.89 7.69 -8.07
N MET B 76 26.28 7.72 -6.79
CA MET B 76 26.59 6.48 -6.09
C MET B 76 25.39 5.54 -6.10
N ALA B 77 24.21 6.06 -5.77
CA ALA B 77 23.02 5.22 -5.75
C ALA B 77 22.70 4.66 -7.13
N LEU B 78 22.85 5.48 -8.18
CA LEU B 78 22.57 5.01 -9.53
C LEU B 78 23.54 3.90 -9.93
N ARG B 79 24.84 4.11 -9.68
CA ARG B 79 25.85 3.10 -10.03
C ARG B 79 25.61 1.80 -9.26
N VAL B 80 25.28 1.91 -7.96
CA VAL B 80 25.01 0.72 -7.15
C VAL B 80 23.80 -0.02 -7.70
N ILE B 81 22.74 0.70 -8.07
CA ILE B 81 21.53 0.04 -8.56
C ILE B 81 21.80 -0.66 -9.89
N VAL B 82 22.54 -0.01 -10.79
CA VAL B 82 22.82 -0.66 -12.08
C VAL B 82 23.69 -1.90 -11.88
N SER B 83 24.68 -1.81 -10.98
CA SER B 83 25.52 -2.97 -10.69
C SER B 83 24.72 -4.10 -10.09
N ILE B 84 23.77 -3.79 -9.19
CA ILE B 84 22.93 -4.83 -8.60
C ILE B 84 22.05 -5.47 -9.67
N ALA B 85 21.59 -4.67 -10.64
CA ALA B 85 20.73 -5.21 -11.69
C ALA B 85 21.49 -6.12 -12.63
N GLU B 86 22.75 -5.80 -12.96
CA GLU B 86 23.48 -6.60 -13.93
C GLU B 86 24.38 -7.66 -13.30
N ASP B 87 24.46 -7.75 -11.98
CA ASP B 87 25.28 -8.78 -11.33
C ASP B 87 24.59 -10.13 -11.54
N PRO B 88 25.21 -11.08 -12.24
CA PRO B 88 24.50 -12.34 -12.57
C PRO B 88 24.30 -13.30 -11.40
N ASN B 89 25.09 -13.20 -10.32
CA ASN B 89 24.98 -14.13 -9.20
C ASN B 89 24.24 -13.53 -8.00
N GLU B 90 23.38 -12.55 -8.23
CA GLU B 90 22.54 -12.00 -7.19
C GLU B 90 21.19 -12.71 -7.21
N LYS B 91 20.51 -12.69 -6.06
CA LYS B 91 19.20 -13.32 -5.96
C LYS B 91 18.25 -12.72 -7.00
N GLY B 92 17.30 -13.53 -7.46
CA GLY B 92 16.44 -13.11 -8.56
C GLY B 92 15.53 -11.94 -8.20
N GLY B 93 14.90 -11.99 -7.02
CA GLY B 93 13.95 -10.95 -6.64
C GLY B 93 14.59 -9.59 -6.54
N ILE B 94 15.83 -9.53 -6.06
CA ILE B 94 16.52 -8.25 -5.88
C ILE B 94 16.88 -7.64 -7.22
N ARG B 95 17.38 -8.46 -8.15
CA ARG B 95 17.61 -8.00 -9.51
C ARG B 95 16.32 -7.50 -10.16
N LEU B 96 15.22 -8.23 -9.98
CA LEU B 96 13.95 -7.79 -10.57
C LEU B 96 13.50 -6.47 -9.98
N LYS B 97 13.61 -6.30 -8.66
CA LYS B 97 13.22 -5.03 -8.05
C LYS B 97 14.08 -3.88 -8.57
N ALA B 98 15.38 -4.14 -8.77
CA ALA B 98 16.26 -3.10 -9.29
C ALA B 98 15.89 -2.72 -10.72
N ALA B 99 15.59 -3.74 -11.56
CA ALA B 99 15.19 -3.47 -12.94
C ALA B 99 13.85 -2.73 -13.01
N GLN B 100 12.89 -3.14 -12.19
CA GLN B 100 11.64 -2.40 -12.11
C GLN B 100 11.89 -0.95 -11.74
N ASP B 101 12.77 -0.71 -10.76
CA ASP B 101 13.01 0.65 -10.33
C ASP B 101 13.66 1.50 -11.43
N ILE B 102 14.65 0.95 -12.13
CA ILE B 102 15.30 1.75 -13.15
C ILE B 102 14.36 1.98 -14.33
N LEU B 103 13.48 0.99 -14.63
CA LEU B 103 12.48 1.19 -15.68
C LEU B 103 11.44 2.23 -15.28
N ASP B 104 11.07 2.25 -14.00
CA ASP B 104 10.10 3.24 -13.52
C ASP B 104 10.68 4.64 -13.56
N ARG B 105 11.92 4.80 -13.09
CA ARG B 105 12.55 6.12 -13.17
C ARG B 105 12.85 6.52 -14.60
N GLY B 106 12.92 5.57 -15.54
CA GLY B 106 13.13 5.94 -16.93
C GLY B 106 11.91 6.53 -17.62
N GLY B 107 10.71 6.31 -17.04
CA GLY B 107 9.50 6.94 -17.53
C GLY B 107 8.46 6.02 -18.16
N PHE B 108 8.30 4.83 -17.57
CA PHE B 108 7.40 3.80 -18.12
C PHE B 108 6.64 3.13 -16.98
N GLY B 109 5.33 3.38 -16.86
CA GLY B 109 4.51 2.72 -15.82
C GLY B 109 3.05 2.57 -16.23
N ALA B 110 2.32 1.61 -15.64
CA ALA B 110 0.88 1.41 -15.92
C ALA B 110 0.02 2.35 -15.08
N LYS B 111 -1.23 2.61 -15.46
CA LYS B 111 -1.98 3.64 -14.68
C LYS B 111 -3.52 3.54 -14.64
N GLN B 112 -4.17 2.43 -15.00
CA GLN B 112 -5.66 2.42 -15.15
C GLN B 112 -6.47 2.58 -13.85
N LYS B 113 -7.66 3.20 -13.91
CA LYS B 113 -8.56 3.35 -12.72
C LYS B 113 -9.90 3.96 -13.13
N VAL B 114 -11.02 3.25 -12.90
CA VAL B 114 -12.38 3.72 -13.15
C VAL B 114 -13.03 4.10 -11.82
N GLU B 115 -13.61 5.29 -11.77
CA GLU B 115 -14.21 5.86 -10.57
C GLU B 115 -15.72 5.94 -10.73
N LEU B 116 -16.44 5.87 -9.61
CA LEU B 116 -17.89 6.06 -9.63
C LEU B 116 -18.28 6.75 -8.32
N THR B 117 -18.66 8.02 -8.42
CA THR B 117 -18.97 8.88 -7.27
C THR B 117 -20.49 8.98 -7.09
N THR B 118 -20.99 8.47 -5.96
CA THR B 118 -22.41 8.49 -5.65
C THR B 118 -22.77 9.63 -4.67
N LYS B 119 -23.98 9.57 -4.09
CA LYS B 119 -24.56 10.65 -3.29
C LYS B 119 -25.78 10.16 -2.53
N ASN B 120 -26.09 10.73 -1.36
CA ASN B 120 -27.24 10.30 -0.55
C ASN B 120 -28.36 11.32 -0.72
N VAL B 121 -29.27 11.03 -1.65
CA VAL B 121 -30.45 11.86 -1.88
C VAL B 121 -31.68 10.99 -2.15
N PRO C 13 38.22 25.24 -29.53
CA PRO C 13 37.40 25.82 -28.46
C PRO C 13 36.28 24.90 -28.01
N LEU C 14 36.39 24.34 -26.80
CA LEU C 14 35.29 23.60 -26.21
C LEU C 14 34.29 24.58 -25.61
N SER C 15 33.05 24.52 -26.09
CA SER C 15 32.05 25.49 -25.70
C SER C 15 31.53 25.20 -24.29
N ALA C 16 31.17 26.27 -23.58
CA ALA C 16 30.62 26.18 -22.23
C ALA C 16 29.38 25.29 -22.15
N LYS C 17 28.64 25.14 -23.26
CA LYS C 17 27.47 24.26 -23.26
C LYS C 17 27.86 22.78 -23.24
N GLU C 18 28.90 22.40 -23.98
CA GLU C 18 29.42 21.04 -24.07
C GLU C 18 30.43 20.69 -22.97
N LYS C 19 31.25 21.66 -22.56
CA LYS C 19 32.16 21.44 -21.44
C LYS C 19 31.40 21.18 -20.14
N LEU C 20 30.22 21.80 -20.00
CA LEU C 20 29.37 21.50 -18.85
C LEU C 20 28.93 20.04 -18.87
N ASP C 21 28.62 19.51 -20.08
CA ASP C 21 28.24 18.11 -20.20
C ASP C 21 29.42 17.18 -19.91
N LEU C 22 30.64 17.58 -20.26
CA LEU C 22 31.80 16.78 -19.89
C LEU C 22 32.01 16.78 -18.37
N TYR C 23 31.80 17.93 -17.73
CA TYR C 23 31.80 18.00 -16.28
C TYR C 23 30.73 17.10 -15.68
N CYS C 24 29.56 17.04 -16.33
CA CYS C 24 28.48 16.18 -15.84
C CYS C 24 28.85 14.70 -15.94
N GLU C 25 29.50 14.30 -17.03
CA GLU C 25 29.96 12.91 -17.13
C GLU C 25 31.00 12.61 -16.04
N GLY C 26 31.90 13.56 -15.78
CA GLY C 26 32.87 13.40 -14.71
C GLY C 26 32.23 13.33 -13.35
N LEU C 27 31.14 14.07 -13.15
CA LEU C 27 30.40 13.98 -11.89
C LEU C 27 29.69 12.65 -11.75
N ALA C 28 29.18 12.11 -12.86
CA ALA C 28 28.46 10.85 -12.80
C ALA C 28 29.38 9.67 -12.53
N ASP C 29 30.63 9.72 -13.02
CA ASP C 29 31.52 8.58 -12.84
C ASP C 29 32.62 8.78 -11.80
N GLY C 30 33.30 9.93 -11.79
CA GLY C 30 34.43 10.10 -10.89
C GLY C 30 34.09 10.68 -9.54
N LEU C 31 32.82 11.02 -9.34
CA LEU C 31 32.22 11.26 -8.02
C LEU C 31 33.01 12.26 -7.16
N ASN C 32 33.13 13.49 -7.64
CA ASN C 32 33.57 14.61 -6.80
C ASN C 32 33.32 15.95 -7.47
N LYS C 33 32.72 16.91 -6.75
CA LYS C 33 32.40 18.20 -7.35
C LYS C 33 33.65 19.00 -7.70
N THR C 34 34.53 19.23 -6.71
CA THR C 34 35.74 20.01 -6.95
C THR C 34 36.70 19.29 -7.89
N GLN C 35 36.81 17.97 -7.75
CA GLN C 35 37.70 17.21 -8.62
C GLN C 35 37.24 17.25 -10.07
N ALA C 36 35.94 17.10 -10.33
CA ALA C 36 35.45 17.22 -11.70
C ALA C 36 35.56 18.65 -12.20
N TYR C 37 35.48 19.64 -11.30
CA TYR C 37 35.65 21.02 -11.71
C TYR C 37 37.07 21.25 -12.23
N VAL C 38 38.07 20.86 -11.44
CA VAL C 38 39.46 21.03 -11.87
C VAL C 38 39.84 20.05 -12.98
N ALA C 39 39.15 18.90 -13.07
CA ALA C 39 39.38 17.94 -14.15
C ALA C 39 38.81 18.43 -15.45
N ALA C 40 37.93 19.44 -15.41
CA ALA C 40 37.54 20.09 -16.64
C ALA C 40 38.64 21.01 -17.14
N GLY C 41 39.67 21.26 -16.33
CA GLY C 41 40.78 22.10 -16.71
C GLY C 41 40.63 23.49 -16.15
N PHE C 42 40.34 23.58 -14.85
CA PHE C 42 40.12 24.85 -14.19
C PHE C 42 41.21 25.07 -13.15
N SER C 43 41.07 26.17 -12.41
CA SER C 43 42.04 26.53 -11.38
C SER C 43 41.89 25.60 -10.18
N PRO C 44 42.94 24.88 -9.76
CA PRO C 44 42.79 23.98 -8.60
C PRO C 44 42.77 24.75 -7.28
N ASN C 45 43.19 26.01 -7.29
CA ASN C 45 43.21 26.87 -6.13
C ASN C 45 41.85 27.53 -5.91
N HIS C 46 41.25 28.03 -6.99
CA HIS C 46 39.88 28.53 -6.94
C HIS C 46 39.04 27.27 -6.75
N ALA C 47 38.77 26.90 -5.49
CA ALA C 47 38.35 25.51 -5.24
C ALA C 47 36.95 25.23 -4.69
N GLN C 48 36.81 25.31 -3.36
CA GLN C 48 35.65 24.71 -2.70
C GLN C 48 34.37 25.50 -2.95
N ARG C 49 34.47 26.82 -3.12
CA ARG C 49 33.28 27.63 -3.38
C ARG C 49 32.89 27.68 -4.86
N ASN C 50 33.86 27.62 -5.78
CA ASN C 50 33.54 27.89 -7.18
C ASN C 50 32.74 26.75 -7.81
N VAL C 51 33.04 25.50 -7.44
CA VAL C 51 32.26 24.40 -7.98
C VAL C 51 30.85 24.41 -7.40
N ALA C 52 30.70 24.82 -6.14
CA ALA C 52 29.39 24.92 -5.53
C ALA C 52 28.55 25.98 -6.23
N ALA C 53 29.14 27.15 -6.49
CA ALA C 53 28.40 28.19 -7.20
C ALA C 53 28.03 27.76 -8.61
N TYR C 54 28.98 27.12 -9.32
CA TYR C 54 28.68 26.65 -10.68
C TYR C 54 27.53 25.65 -10.66
N HIS C 55 27.51 24.75 -9.67
CA HIS C 55 26.44 23.78 -9.56
C HIS C 55 25.11 24.47 -9.29
N ARG C 56 25.12 25.48 -8.40
CA ARG C 56 23.91 26.23 -8.11
C ARG C 56 23.39 27.00 -9.32
N LYS C 57 24.25 27.30 -10.30
CA LYS C 57 23.78 28.05 -11.46
C LYS C 57 22.98 27.19 -12.44
N HIS C 58 23.53 26.04 -12.82
CA HIS C 58 22.99 25.22 -13.90
C HIS C 58 22.29 23.97 -13.37
N SER C 59 21.60 24.12 -12.23
CA SER C 59 21.01 22.97 -11.55
C SER C 59 20.04 22.19 -12.43
N GLU C 60 19.16 22.90 -13.16
CA GLU C 60 18.16 22.20 -13.96
C GLU C 60 18.81 21.36 -15.06
N TYR C 61 19.85 21.90 -15.71
CA TYR C 61 20.53 21.13 -16.74
C TYR C 61 21.26 19.92 -16.15
N ILE C 62 21.89 20.09 -14.98
CA ILE C 62 22.56 18.95 -14.37
C ILE C 62 21.56 17.85 -14.05
N ASN C 63 20.38 18.24 -13.53
CA ASN C 63 19.36 17.26 -13.23
C ASN C 63 18.85 16.57 -14.50
N ALA C 64 18.65 17.35 -15.58
CA ALA C 64 18.21 16.77 -16.84
C ALA C 64 19.26 15.81 -17.41
N PHE C 65 20.54 16.15 -17.30
CA PHE C 65 21.60 15.27 -17.78
C PHE C 65 21.64 13.98 -16.99
N ILE C 66 21.51 14.06 -15.66
CA ILE C 66 21.55 12.81 -14.91
C ILE C 66 20.31 11.97 -15.23
N SER C 67 19.18 12.63 -15.56
CA SER C 67 18.00 11.89 -15.99
C SER C 67 18.22 11.23 -17.35
N GLU C 68 19.00 11.86 -18.24
CA GLU C 68 19.33 11.16 -19.49
C GLU C 68 20.22 9.96 -19.20
N ARG C 69 21.14 10.10 -18.23
CA ARG C 69 21.98 8.97 -17.86
C ARG C 69 21.18 7.83 -17.25
N ILE C 70 20.17 8.17 -16.43
CA ILE C 70 19.29 7.14 -15.88
C ILE C 70 18.46 6.48 -16.99
N GLY C 71 17.96 7.27 -17.95
CA GLY C 71 17.25 6.70 -19.09
C GLY C 71 18.13 5.86 -19.98
N SER C 72 19.45 6.06 -19.93
CA SER C 72 20.37 5.28 -20.74
C SER C 72 20.37 3.79 -20.38
N HIS C 73 19.93 3.42 -19.18
CA HIS C 73 20.06 2.06 -18.68
C HIS C 73 18.81 1.19 -18.86
N VAL C 74 17.74 1.69 -19.48
CA VAL C 74 16.50 0.93 -19.56
C VAL C 74 16.59 -0.32 -20.43
N PRO C 75 17.34 -0.36 -21.55
CA PRO C 75 17.34 -1.60 -22.36
C PRO C 75 17.94 -2.79 -21.63
N MET C 76 18.98 -2.56 -20.83
CA MET C 76 19.53 -3.62 -19.99
C MET C 76 18.46 -4.15 -19.05
N ALA C 77 17.71 -3.24 -18.42
CA ALA C 77 16.67 -3.66 -17.49
C ALA C 77 15.61 -4.49 -18.19
N LEU C 78 15.21 -4.09 -19.39
CA LEU C 78 14.23 -4.88 -20.14
C LEU C 78 14.78 -6.26 -20.45
N ARG C 79 16.05 -6.33 -20.88
CA ARG C 79 16.67 -7.62 -21.15
C ARG C 79 16.66 -8.50 -19.92
N VAL C 80 16.98 -7.92 -18.76
CA VAL C 80 17.02 -8.69 -17.52
C VAL C 80 15.63 -9.20 -17.15
N ILE C 81 14.60 -8.35 -17.29
CA ILE C 81 13.26 -8.76 -16.89
C ILE C 81 12.75 -9.88 -17.80
N VAL C 82 12.99 -9.76 -19.11
CA VAL C 82 12.58 -10.85 -20.00
C VAL C 82 13.36 -12.11 -19.69
N SER C 83 14.65 -11.98 -19.34
CA SER C 83 15.43 -13.16 -19.00
C SER C 83 14.89 -13.85 -17.74
N ILE C 84 14.54 -13.05 -16.73
CA ILE C 84 13.99 -13.63 -15.50
C ILE C 84 12.64 -14.28 -15.78
N ALA C 85 11.87 -13.70 -16.68
CA ALA C 85 10.59 -14.29 -17.06
C ALA C 85 10.78 -15.60 -17.84
N GLU C 86 11.86 -15.70 -18.60
CA GLU C 86 12.14 -16.84 -19.46
C GLU C 86 13.00 -17.91 -18.80
N ASP C 87 13.49 -17.67 -17.59
CA ASP C 87 14.31 -18.65 -16.89
C ASP C 87 13.45 -19.81 -16.41
N PRO C 88 13.67 -21.04 -16.88
CA PRO C 88 12.82 -22.15 -16.45
C PRO C 88 13.06 -22.60 -15.01
N ASN C 89 14.23 -22.29 -14.46
CA ASN C 89 14.61 -22.70 -13.10
C ASN C 89 14.54 -21.57 -12.07
N GLU C 90 13.74 -20.54 -12.34
CA GLU C 90 13.56 -19.45 -11.38
C GLU C 90 12.32 -19.70 -10.53
N LYS C 91 12.31 -19.09 -9.34
CA LYS C 91 11.17 -19.26 -8.44
C LYS C 91 9.87 -18.83 -9.10
N GLY C 92 8.78 -19.49 -8.71
CA GLY C 92 7.50 -19.21 -9.33
C GLY C 92 7.03 -17.80 -9.07
N GLY C 93 7.14 -17.35 -7.81
CA GLY C 93 6.67 -16.02 -7.48
C GLY C 93 7.44 -14.95 -8.21
N ILE C 94 8.75 -15.17 -8.42
CA ILE C 94 9.57 -14.15 -9.07
C ILE C 94 9.26 -14.08 -10.56
N ARG C 95 9.13 -15.22 -11.23
CA ARG C 95 8.69 -15.21 -12.61
C ARG C 95 7.31 -14.56 -12.76
N LEU C 96 6.40 -14.87 -11.84
CA LEU C 96 5.07 -14.27 -11.89
C LEU C 96 5.16 -12.76 -11.75
N LYS C 97 5.99 -12.27 -10.83
CA LYS C 97 6.14 -10.81 -10.68
C LYS C 97 6.75 -10.18 -11.94
N ALA C 98 7.70 -10.88 -12.59
CA ALA C 98 8.26 -10.31 -13.82
C ALA C 98 7.21 -10.24 -14.92
N ALA C 99 6.41 -11.29 -15.07
CA ALA C 99 5.34 -11.29 -16.07
C ALA C 99 4.30 -10.23 -15.75
N GLN C 100 3.94 -10.09 -14.46
CA GLN C 100 3.03 -9.02 -14.06
C GLN C 100 3.58 -7.66 -14.46
N ASP C 101 4.89 -7.44 -14.25
CA ASP C 101 5.46 -6.14 -14.55
C ASP C 101 5.38 -5.85 -16.04
N ILE C 102 5.76 -6.83 -16.87
CA ILE C 102 5.75 -6.58 -18.31
C ILE C 102 4.31 -6.45 -18.84
N LEU C 103 3.36 -7.17 -18.25
CA LEU C 103 1.97 -7.01 -18.67
C LEU C 103 1.44 -5.63 -18.30
N ASP C 104 1.84 -5.11 -17.13
CA ASP C 104 1.42 -3.77 -16.74
C ASP C 104 2.06 -2.73 -17.67
N ARG C 105 3.32 -2.96 -18.06
CA ARG C 105 3.99 -2.07 -18.98
C ARG C 105 3.36 -2.11 -20.37
N GLY C 106 2.70 -3.22 -20.73
CA GLY C 106 2.05 -3.33 -22.02
C GLY C 106 0.71 -2.64 -22.16
N GLY C 107 0.03 -2.32 -21.06
CA GLY C 107 -1.23 -1.60 -21.15
C GLY C 107 -2.47 -2.36 -20.71
N PHE C 108 -2.32 -3.14 -19.64
CA PHE C 108 -3.40 -3.95 -19.08
C PHE C 108 -3.35 -3.78 -17.56
N GLY C 109 -4.39 -3.17 -16.98
CA GLY C 109 -4.25 -2.73 -15.61
C GLY C 109 -5.41 -2.88 -14.63
N ALA C 110 -5.66 -1.84 -13.83
CA ALA C 110 -6.37 -1.99 -12.56
C ALA C 110 -7.88 -1.85 -12.75
N LYS C 111 -8.61 -1.69 -11.66
CA LYS C 111 -10.05 -1.98 -11.67
C LYS C 111 -10.78 -1.00 -10.76
N GLN C 112 -11.96 -1.40 -10.29
CA GLN C 112 -13.04 -0.48 -9.93
C GLN C 112 -12.88 0.12 -8.53
N LYS C 113 -13.64 1.19 -8.29
CA LYS C 113 -13.69 1.84 -6.97
C LYS C 113 -14.99 2.63 -6.83
N VAL C 114 -15.73 2.36 -5.76
CA VAL C 114 -17.02 2.99 -5.51
C VAL C 114 -16.84 4.08 -4.47
N GLU C 115 -17.34 5.27 -4.75
CA GLU C 115 -17.22 6.40 -3.85
C GLU C 115 -18.61 6.71 -3.31
N LEU C 116 -18.68 7.17 -2.06
CA LEU C 116 -19.95 7.60 -1.50
C LEU C 116 -19.68 8.69 -0.45
N THR C 117 -20.02 9.93 -0.79
CA THR C 117 -19.74 11.09 0.06
C THR C 117 -21.02 11.47 0.81
N THR C 118 -21.32 10.69 1.85
CA THR C 118 -22.45 10.95 2.74
C THR C 118 -21.90 11.53 4.03
N LYS C 119 -22.04 12.84 4.22
CA LYS C 119 -21.50 13.50 5.38
C LYS C 119 -22.43 14.63 5.79
N ASN C 120 -22.27 15.07 7.03
CA ASN C 120 -22.87 16.32 7.51
C ASN C 120 -21.81 17.40 7.33
N VAL C 121 -21.99 18.26 6.32
CA VAL C 121 -21.00 19.25 5.89
C VAL C 121 -20.51 20.14 7.04
N PRO D 13 22.99 2.02 -50.15
CA PRO D 13 22.09 3.13 -49.87
C PRO D 13 20.98 2.68 -48.92
N LEU D 14 20.69 3.45 -47.87
CA LEU D 14 19.70 3.02 -46.86
C LEU D 14 18.66 4.12 -46.58
N SER D 15 17.39 3.73 -46.39
CA SER D 15 16.33 4.72 -46.02
C SER D 15 16.62 5.24 -44.62
N ALA D 16 16.45 6.54 -44.39
CA ALA D 16 16.79 7.12 -43.08
C ALA D 16 15.90 6.50 -41.99
N LYS D 17 14.62 6.28 -42.27
CA LYS D 17 13.73 5.75 -41.21
C LYS D 17 14.23 4.36 -40.82
N GLU D 18 14.56 3.53 -41.81
CA GLU D 18 15.02 2.16 -41.51
C GLU D 18 16.31 2.24 -40.72
N LYS D 19 17.19 3.16 -41.08
CA LYS D 19 18.50 3.29 -40.38
C LYS D 19 18.26 3.68 -38.91
N LEU D 20 17.32 4.61 -38.66
CA LEU D 20 17.02 5.03 -37.27
C LEU D 20 16.46 3.83 -36.51
N ASP D 21 15.59 3.05 -37.17
CA ASP D 21 15.00 1.85 -36.53
C ASP D 21 16.13 0.86 -36.19
N LEU D 22 17.11 0.70 -37.08
CA LEU D 22 18.24 -0.23 -36.82
C LEU D 22 19.04 0.25 -35.62
N TYR D 23 19.28 1.57 -35.53
CA TYR D 23 20.02 2.11 -34.38
C TYR D 23 19.23 1.83 -33.11
N CYS D 24 17.91 2.01 -33.18
CA CYS D 24 17.04 1.76 -32.01
C CYS D 24 17.13 0.28 -31.62
N GLU D 25 17.13 -0.62 -32.60
CA GLU D 25 17.18 -2.07 -32.33
C GLU D 25 18.52 -2.40 -31.66
N GLY D 26 19.59 -1.76 -32.11
CA GLY D 26 20.92 -2.00 -31.48
C GLY D 26 20.91 -1.58 -30.03
N LEU D 27 20.30 -0.43 -29.73
CA LEU D 27 20.19 -0.03 -28.31
C LEU D 27 19.33 -1.06 -27.57
N ALA D 28 18.24 -1.51 -28.19
CA ALA D 28 17.30 -2.46 -27.53
C ALA D 28 18.03 -3.75 -27.20
N ASP D 29 18.88 -4.20 -28.11
CA ASP D 29 19.59 -5.49 -27.92
C ASP D 29 21.01 -5.24 -27.41
N GLY D 30 21.89 -4.68 -28.24
CA GLY D 30 23.31 -4.72 -27.96
C GLY D 30 23.82 -3.72 -26.95
N LEU D 31 22.93 -2.86 -26.42
CA LEU D 31 23.22 -1.98 -25.29
C LEU D 31 24.47 -1.13 -25.49
N ASN D 32 24.42 -0.25 -26.51
CA ASN D 32 25.43 0.81 -26.61
C ASN D 32 25.05 1.91 -27.60
N LYS D 33 25.17 3.18 -27.19
CA LYS D 33 24.78 4.30 -28.05
C LYS D 33 25.71 4.41 -29.25
N THR D 34 27.02 4.45 -29.00
CA THR D 34 28.00 4.53 -30.08
C THR D 34 28.02 3.27 -30.94
N GLN D 35 27.78 2.10 -30.34
CA GLN D 35 27.73 0.86 -31.11
C GLN D 35 26.62 0.88 -32.14
N ALA D 36 25.41 1.27 -31.73
CA ALA D 36 24.31 1.40 -32.69
C ALA D 36 24.54 2.56 -33.64
N TYR D 37 25.26 3.60 -33.18
CA TYR D 37 25.57 4.72 -34.07
C TYR D 37 26.47 4.28 -35.22
N VAL D 38 27.56 3.56 -34.90
CA VAL D 38 28.42 3.04 -35.96
C VAL D 38 27.74 1.89 -36.70
N ALA D 39 26.75 1.24 -36.07
CA ALA D 39 25.98 0.20 -36.73
C ALA D 39 24.99 0.76 -37.74
N ALA D 40 24.68 2.05 -37.68
CA ALA D 40 23.91 2.63 -38.78
C ALA D 40 24.79 2.92 -39.98
N GLY D 41 26.09 3.09 -39.73
CA GLY D 41 27.03 3.71 -40.69
C GLY D 41 27.04 5.23 -40.56
N PHE D 42 28.12 5.81 -40.05
CA PHE D 42 28.16 7.28 -39.81
C PHE D 42 29.58 7.82 -39.99
N SER D 43 29.75 9.15 -40.00
CA SER D 43 31.10 9.70 -40.29
C SER D 43 32.11 9.11 -39.30
N PRO D 44 33.23 8.53 -39.79
CA PRO D 44 34.21 7.88 -38.92
C PRO D 44 34.98 8.81 -37.97
N ASN D 45 35.41 9.97 -38.47
CA ASN D 45 36.21 10.92 -37.65
C ASN D 45 35.41 11.44 -36.44
N HIS D 46 34.14 11.82 -36.62
CA HIS D 46 33.37 12.42 -35.50
C HIS D 46 32.06 11.67 -35.28
N ALA D 47 31.83 11.21 -34.04
CA ALA D 47 30.55 10.55 -33.71
C ALA D 47 29.95 11.17 -32.44
N GLN D 48 30.76 11.24 -31.37
CA GLN D 48 30.26 11.73 -30.06
C GLN D 48 29.78 13.17 -30.18
N ARG D 49 30.44 13.98 -31.00
CA ARG D 49 30.09 15.42 -31.12
C ARG D 49 28.62 15.53 -31.57
N ASN D 50 28.18 14.62 -32.44
CA ASN D 50 26.79 14.71 -32.96
C ASN D 50 25.89 13.63 -32.32
N VAL D 51 26.42 12.43 -32.06
CA VAL D 51 25.48 11.39 -31.66
C VAL D 51 24.67 11.78 -30.42
N ALA D 52 25.24 12.53 -29.48
CA ALA D 52 24.48 12.94 -28.30
C ALA D 52 23.32 13.85 -28.69
N ALA D 53 23.60 14.85 -29.54
CA ALA D 53 22.54 15.73 -30.03
C ALA D 53 21.52 14.96 -30.86
N TYR D 54 22.01 14.05 -31.71
CA TYR D 54 21.11 13.24 -32.53
C TYR D 54 20.17 12.41 -31.67
N HIS D 55 20.68 11.83 -30.58
CA HIS D 55 19.83 11.05 -29.68
C HIS D 55 18.80 11.96 -29.02
N ARG D 56 19.24 13.16 -28.59
CA ARG D 56 18.29 14.12 -28.04
C ARG D 56 17.27 14.60 -29.07
N LYS D 57 17.53 14.41 -30.37
CA LYS D 57 16.56 14.83 -31.39
C LYS D 57 15.35 13.89 -31.40
N HIS D 58 15.59 12.59 -31.48
CA HIS D 58 14.53 11.61 -31.71
C HIS D 58 14.14 10.87 -30.44
N SER D 59 14.18 11.57 -29.29
CA SER D 59 13.90 10.94 -28.01
C SER D 59 12.51 10.33 -27.96
N GLU D 60 11.50 11.07 -28.43
CA GLU D 60 10.13 10.57 -28.34
C GLU D 60 9.95 9.33 -29.22
N TYR D 61 10.58 9.31 -30.39
CA TYR D 61 10.48 8.13 -31.26
C TYR D 61 11.11 6.91 -30.61
N ILE D 62 12.27 7.09 -29.95
CA ILE D 62 12.92 5.98 -29.26
C ILE D 62 12.05 5.49 -28.10
N ASN D 63 11.39 6.41 -27.40
CA ASN D 63 10.48 6.01 -26.32
C ASN D 63 9.31 5.20 -26.89
N ALA D 64 8.78 5.62 -28.05
CA ALA D 64 7.73 4.83 -28.69
C ALA D 64 8.26 3.47 -29.10
N PHE D 65 9.51 3.41 -29.57
CA PHE D 65 10.12 2.14 -29.95
C PHE D 65 10.24 1.18 -28.77
N ILE D 66 10.70 1.67 -27.63
CA ILE D 66 10.83 0.78 -26.47
C ILE D 66 9.45 0.41 -25.91
N SER D 67 8.48 1.32 -25.98
CA SER D 67 7.13 0.96 -25.56
C SER D 67 6.51 -0.09 -26.48
N GLU D 68 6.86 -0.07 -27.76
CA GLU D 68 6.47 -1.14 -28.68
C GLU D 68 7.19 -2.45 -28.34
N ARG D 69 8.47 -2.36 -27.96
CA ARG D 69 9.24 -3.56 -27.61
C ARG D 69 8.72 -4.23 -26.36
N ILE D 70 8.29 -3.46 -25.35
CA ILE D 70 7.70 -4.08 -24.16
C ILE D 70 6.42 -4.83 -24.55
N GLY D 71 5.59 -4.24 -25.41
CA GLY D 71 4.41 -4.93 -25.90
C GLY D 71 4.73 -6.15 -26.74
N SER D 72 5.93 -6.21 -27.32
CA SER D 72 6.34 -7.37 -28.11
C SER D 72 6.40 -8.65 -27.27
N HIS D 73 6.57 -8.53 -25.96
CA HIS D 73 6.78 -9.68 -25.09
C HIS D 73 5.52 -10.13 -24.35
N VAL D 74 4.38 -9.50 -24.61
CA VAL D 74 3.15 -9.72 -23.85
C VAL D 74 2.56 -11.14 -23.98
N PRO D 75 2.55 -11.78 -25.16
CA PRO D 75 2.00 -13.14 -25.22
C PRO D 75 2.84 -14.14 -24.46
N MET D 76 4.16 -13.99 -24.50
CA MET D 76 5.03 -14.88 -23.74
C MET D 76 4.70 -14.79 -22.25
N ALA D 77 4.60 -13.56 -21.73
CA ALA D 77 4.29 -13.37 -20.31
C ALA D 77 2.90 -13.94 -19.98
N LEU D 78 1.93 -13.76 -20.89
CA LEU D 78 0.61 -14.31 -20.64
C LEU D 78 0.68 -15.84 -20.53
N ARG D 79 1.42 -16.48 -21.44
CA ARG D 79 1.58 -17.93 -21.36
C ARG D 79 2.21 -18.31 -20.04
N VAL D 80 3.19 -17.52 -19.57
CA VAL D 80 3.88 -17.79 -18.31
C VAL D 80 2.88 -17.76 -17.16
N ILE D 81 2.03 -16.74 -17.14
CA ILE D 81 1.09 -16.57 -16.03
C ILE D 81 0.05 -17.69 -16.03
N VAL D 82 -0.46 -18.05 -17.21
CA VAL D 82 -1.46 -19.12 -17.27
C VAL D 82 -0.86 -20.44 -16.83
N SER D 83 0.37 -20.73 -17.26
CA SER D 83 1.02 -21.97 -16.86
C SER D 83 1.27 -22.01 -15.36
N ILE D 84 1.72 -20.88 -14.78
CA ILE D 84 1.96 -20.84 -13.34
C ILE D 84 0.65 -21.04 -12.58
N ALA D 85 -0.44 -20.47 -13.10
CA ALA D 85 -1.72 -20.64 -12.41
C ALA D 85 -2.23 -22.07 -12.49
N GLU D 86 -1.98 -22.76 -13.61
CA GLU D 86 -2.52 -24.11 -13.78
C GLU D 86 -1.53 -25.23 -13.41
N ASP D 87 -0.30 -24.89 -13.04
CA ASP D 87 0.69 -25.92 -12.67
C ASP D 87 0.40 -26.50 -11.29
N PRO D 88 0.11 -27.80 -11.19
CA PRO D 88 -0.29 -28.38 -9.89
C PRO D 88 0.84 -28.49 -8.87
N ASN D 89 2.11 -28.41 -9.28
CA ASN D 89 3.23 -28.59 -8.36
C ASN D 89 3.79 -27.26 -7.85
N GLU D 90 3.00 -26.20 -7.93
CA GLU D 90 3.36 -24.88 -7.42
C GLU D 90 2.80 -24.66 -6.01
N LYS D 91 3.45 -23.75 -5.29
CA LYS D 91 2.98 -23.34 -3.96
C LYS D 91 1.55 -22.80 -4.07
N GLY D 92 0.78 -22.96 -3.00
CA GLY D 92 -0.60 -22.51 -3.04
C GLY D 92 -0.71 -21.00 -3.25
N GLY D 93 0.14 -20.24 -2.54
CA GLY D 93 0.07 -18.78 -2.61
C GLY D 93 0.38 -18.23 -3.99
N ILE D 94 1.33 -18.86 -4.70
CA ILE D 94 1.68 -18.36 -6.03
C ILE D 94 0.57 -18.70 -7.03
N ARG D 95 -0.02 -19.90 -6.91
CA ARG D 95 -1.17 -20.24 -7.72
C ARG D 95 -2.29 -19.22 -7.53
N LEU D 96 -2.55 -18.87 -6.26
CA LEU D 96 -3.60 -17.91 -5.96
C LEU D 96 -3.28 -16.55 -6.55
N LYS D 97 -2.03 -16.09 -6.42
CA LYS D 97 -1.68 -14.77 -6.95
C LYS D 97 -1.82 -14.74 -8.48
N ALA D 98 -1.43 -15.82 -9.17
CA ALA D 98 -1.56 -15.84 -10.63
C ALA D 98 -3.02 -15.86 -11.06
N ALA D 99 -3.85 -16.68 -10.40
CA ALA D 99 -5.26 -16.73 -10.74
C ALA D 99 -5.94 -15.38 -10.48
N GLN D 100 -5.61 -14.76 -9.34
CA GLN D 100 -6.09 -13.41 -9.06
C GLN D 100 -5.67 -12.43 -10.14
N ASP D 101 -4.43 -12.54 -10.61
CA ASP D 101 -3.93 -11.59 -11.60
C ASP D 101 -4.69 -11.70 -12.90
N ILE D 102 -4.93 -12.92 -13.38
CA ILE D 102 -5.67 -13.06 -14.63
C ILE D 102 -7.14 -12.71 -14.45
N LEU D 103 -7.70 -12.92 -13.25
CA LEU D 103 -9.07 -12.46 -13.00
C LEU D 103 -9.15 -10.94 -13.02
N ASP D 104 -8.13 -10.25 -12.48
CA ASP D 104 -8.13 -8.79 -12.51
C ASP D 104 -7.99 -8.28 -13.94
N ARG D 105 -7.08 -8.87 -14.71
CA ARG D 105 -6.93 -8.43 -16.09
C ARG D 105 -8.15 -8.79 -16.93
N GLY D 106 -8.95 -9.77 -16.49
CA GLY D 106 -10.19 -10.08 -17.18
C GLY D 106 -11.33 -9.12 -16.94
N GLY D 107 -11.27 -8.33 -15.85
CA GLY D 107 -12.29 -7.33 -15.62
C GLY D 107 -13.19 -7.56 -14.42
N PHE D 108 -12.64 -8.02 -13.30
CA PHE D 108 -13.44 -8.29 -12.11
C PHE D 108 -12.64 -7.81 -10.89
N GLY D 109 -13.15 -6.79 -10.18
CA GLY D 109 -12.30 -6.13 -9.18
C GLY D 109 -12.89 -5.68 -7.84
N ALA D 110 -12.52 -4.46 -7.40
CA ALA D 110 -12.64 -4.01 -6.02
C ALA D 110 -13.92 -3.19 -5.78
N LYS D 111 -14.00 -2.51 -4.64
CA LYS D 111 -15.28 -1.99 -4.12
C LYS D 111 -15.06 -0.70 -3.33
N GLN D 112 -15.96 -0.41 -2.38
CA GLN D 112 -16.30 0.95 -1.96
C GLN D 112 -15.27 1.60 -1.03
N LYS D 113 -15.50 2.90 -0.81
CA LYS D 113 -14.76 3.80 0.06
C LYS D 113 -15.70 4.93 0.49
N VAL D 114 -15.75 5.21 1.79
CA VAL D 114 -16.66 6.20 2.37
C VAL D 114 -15.91 7.47 2.74
N GLU D 115 -16.49 8.62 2.40
CA GLU D 115 -15.89 9.92 2.67
C GLU D 115 -16.65 10.65 3.77
N LEU D 116 -15.92 11.44 4.55
CA LEU D 116 -16.50 12.29 5.59
C LEU D 116 -15.60 13.52 5.72
N THR D 117 -16.09 14.66 5.24
CA THR D 117 -15.30 15.90 5.16
C THR D 117 -15.69 16.88 6.27
N THR D 118 -14.75 17.20 7.14
CA THR D 118 -14.97 18.22 8.16
C THR D 118 -14.28 19.51 7.71
N LYS D 119 -14.95 20.64 7.95
CA LYS D 119 -14.66 21.89 7.25
C LYS D 119 -13.68 22.77 8.03
N ASN D 120 -13.29 23.87 7.39
CA ASN D 120 -12.32 24.82 7.92
C ASN D 120 -12.51 26.21 7.30
N PRO E 13 -8.65 -18.95 -50.09
CA PRO E 13 -9.70 -17.96 -50.35
C PRO E 13 -10.12 -17.21 -49.09
N LEU E 14 -9.25 -16.34 -48.58
CA LEU E 14 -9.47 -15.71 -47.27
C LEU E 14 -9.41 -14.20 -47.39
N SER E 15 -10.17 -13.54 -46.52
CA SER E 15 -10.23 -12.09 -46.49
C SER E 15 -9.17 -11.52 -45.55
N ALA E 16 -9.04 -10.19 -45.57
CA ALA E 16 -8.06 -9.54 -44.70
C ALA E 16 -8.40 -9.75 -43.23
N LYS E 17 -9.69 -9.88 -42.92
CA LYS E 17 -10.08 -10.11 -41.53
C LYS E 17 -9.76 -11.52 -41.07
N GLU E 18 -9.91 -12.52 -41.94
CA GLU E 18 -9.60 -13.89 -41.52
C GLU E 18 -8.09 -14.14 -41.46
N LYS E 19 -7.33 -13.59 -42.42
CA LYS E 19 -5.87 -13.72 -42.30
C LYS E 19 -5.34 -12.93 -41.11
N LEU E 20 -5.96 -11.80 -40.78
CA LEU E 20 -5.59 -11.10 -39.55
C LEU E 20 -5.93 -11.95 -38.32
N ASP E 21 -7.05 -12.68 -38.34
CA ASP E 21 -7.39 -13.54 -37.21
C ASP E 21 -6.41 -14.70 -37.08
N LEU E 22 -5.95 -15.27 -38.19
CA LEU E 22 -4.92 -16.30 -38.12
C LEU E 22 -3.59 -15.72 -37.65
N TYR E 23 -3.25 -14.52 -38.12
CA TYR E 23 -2.05 -13.83 -37.66
C TYR E 23 -2.08 -13.57 -36.15
N CYS E 24 -3.25 -13.16 -35.64
CA CYS E 24 -3.40 -12.92 -34.21
C CYS E 24 -3.31 -14.23 -33.41
N GLU E 25 -3.92 -15.31 -33.91
CA GLU E 25 -3.83 -16.60 -33.20
C GLU E 25 -2.40 -17.13 -33.18
N GLY E 26 -1.69 -17.03 -34.31
CA GLY E 26 -0.29 -17.45 -34.34
C GLY E 26 0.60 -16.60 -33.46
N LEU E 27 0.31 -15.30 -33.38
CA LEU E 27 1.08 -14.45 -32.49
C LEU E 27 0.79 -14.78 -31.03
N ALA E 28 -0.45 -15.16 -30.71
CA ALA E 28 -0.78 -15.50 -29.33
C ALA E 28 -0.16 -16.84 -28.93
N ASP E 29 0.00 -17.77 -29.88
CA ASP E 29 0.54 -19.08 -29.54
C ASP E 29 1.99 -19.27 -30.00
N GLY E 30 2.31 -18.94 -31.26
CA GLY E 30 3.63 -19.29 -31.72
C GLY E 30 4.70 -18.24 -31.61
N LEU E 31 4.35 -17.03 -31.17
CA LEU E 31 5.30 -16.01 -30.72
C LEU E 31 6.48 -15.83 -31.68
N ASN E 32 6.18 -15.31 -32.88
CA ASN E 32 7.24 -14.80 -33.75
C ASN E 32 6.63 -13.91 -34.82
N LYS E 33 7.23 -12.74 -35.05
CA LYS E 33 6.65 -11.75 -35.95
C LYS E 33 6.58 -12.26 -37.39
N THR E 34 7.71 -12.73 -37.93
CA THR E 34 7.70 -13.29 -39.27
C THR E 34 6.95 -14.62 -39.32
N GLN E 35 7.07 -15.44 -38.26
CA GLN E 35 6.36 -16.72 -38.24
C GLN E 35 4.86 -16.52 -38.21
N ALA E 36 4.37 -15.63 -37.34
CA ALA E 36 2.93 -15.32 -37.31
C ALA E 36 2.48 -14.60 -38.58
N TYR E 37 3.39 -13.85 -39.21
CA TYR E 37 3.08 -13.18 -40.47
C TYR E 37 2.83 -14.19 -41.59
N VAL E 38 3.78 -15.11 -41.79
CA VAL E 38 3.69 -16.11 -42.86
C VAL E 38 2.67 -17.21 -42.57
N ALA E 39 2.32 -17.46 -41.30
CA ALA E 39 1.27 -18.45 -41.07
C ALA E 39 -0.09 -17.90 -41.48
N ALA E 40 -0.20 -16.58 -41.66
CA ALA E 40 -1.37 -15.96 -42.25
C ALA E 40 -1.38 -16.09 -43.77
N GLY E 41 -0.24 -16.45 -44.37
CA GLY E 41 -0.18 -16.68 -45.81
C GLY E 41 0.35 -15.58 -46.70
N PHE E 42 1.50 -15.00 -46.38
CA PHE E 42 2.09 -13.94 -47.21
C PHE E 42 3.44 -14.41 -47.78
N SER E 43 4.09 -13.52 -48.51
CA SER E 43 5.39 -13.82 -49.11
C SER E 43 6.47 -13.79 -48.04
N PRO E 44 7.21 -14.88 -47.82
CA PRO E 44 8.18 -14.92 -46.72
C PRO E 44 9.49 -14.20 -46.95
N ASN E 45 9.82 -13.80 -48.18
CA ASN E 45 11.16 -13.27 -48.42
C ASN E 45 11.29 -11.78 -48.10
N HIS E 46 10.40 -10.93 -48.62
CA HIS E 46 10.40 -9.51 -48.24
C HIS E 46 9.34 -9.27 -47.17
N ALA E 47 9.75 -9.48 -45.91
CA ALA E 47 8.85 -9.49 -44.77
C ALA E 47 9.17 -8.47 -43.68
N GLN E 48 10.45 -8.21 -43.43
CA GLN E 48 10.86 -7.53 -42.20
C GLN E 48 10.46 -6.06 -42.16
N ARG E 49 10.37 -5.38 -43.31
CA ARG E 49 9.98 -3.97 -43.26
C ARG E 49 8.46 -3.83 -43.22
N ASN E 50 7.75 -4.71 -43.92
CA ASN E 50 6.31 -4.58 -44.08
C ASN E 50 5.53 -4.97 -42.82
N VAL E 51 6.09 -5.87 -42.02
CA VAL E 51 5.42 -6.31 -40.80
C VAL E 51 5.33 -5.18 -39.77
N ALA E 52 6.32 -4.28 -39.73
CA ALA E 52 6.25 -3.15 -38.81
C ALA E 52 5.06 -2.25 -39.13
N ALA E 53 4.90 -1.91 -40.41
CA ALA E 53 3.75 -1.10 -40.82
C ALA E 53 2.45 -1.84 -40.57
N TYR E 54 2.40 -3.14 -40.88
CA TYR E 54 1.19 -3.92 -40.65
C TYR E 54 0.79 -3.92 -39.18
N HIS E 55 1.75 -4.19 -38.29
CA HIS E 55 1.43 -4.24 -36.86
C HIS E 55 1.04 -2.88 -36.34
N ARG E 56 1.76 -1.82 -36.74
CA ARG E 56 1.39 -0.49 -36.30
C ARG E 56 0.03 -0.08 -36.86
N LYS E 57 -0.45 -0.73 -37.92
CA LYS E 57 -1.77 -0.43 -38.46
C LYS E 57 -2.89 -1.05 -37.61
N HIS E 58 -2.81 -2.35 -37.34
CA HIS E 58 -3.87 -3.08 -36.65
C HIS E 58 -3.53 -3.37 -35.18
N SER E 59 -2.80 -2.48 -34.53
CA SER E 59 -2.36 -2.74 -33.16
C SER E 59 -3.53 -2.90 -32.20
N GLU E 60 -4.53 -2.03 -32.32
CA GLU E 60 -5.63 -2.03 -31.36
C GLU E 60 -6.46 -3.31 -31.45
N TYR E 61 -6.65 -3.86 -32.65
CA TYR E 61 -7.38 -5.11 -32.75
C TYR E 61 -6.60 -6.23 -32.05
N ILE E 62 -5.27 -6.25 -32.19
CA ILE E 62 -4.48 -7.26 -31.52
C ILE E 62 -4.60 -7.12 -30.01
N ASN E 63 -4.60 -5.87 -29.52
CA ASN E 63 -4.74 -5.65 -28.08
C ASN E 63 -6.11 -6.11 -27.57
N ALA E 64 -7.18 -5.80 -28.33
CA ALA E 64 -8.52 -6.26 -27.96
C ALA E 64 -8.61 -7.77 -27.99
N PHE E 65 -7.96 -8.39 -28.98
CA PHE E 65 -7.92 -9.84 -29.06
C PHE E 65 -7.24 -10.43 -27.84
N ILE E 66 -6.13 -9.82 -27.42
CA ILE E 66 -5.39 -10.33 -26.28
C ILE E 66 -6.20 -10.19 -25.00
N SER E 67 -6.95 -9.10 -24.86
CA SER E 67 -7.81 -8.99 -23.68
C SER E 67 -8.97 -9.99 -23.72
N GLU E 68 -9.39 -10.33 -24.93
CA GLU E 68 -10.48 -11.32 -25.06
C GLU E 68 -9.89 -12.65 -24.59
N ARG E 69 -8.68 -12.93 -25.04
CA ARG E 69 -8.02 -14.19 -24.69
C ARG E 69 -7.80 -14.29 -23.18
N ILE E 70 -7.48 -13.16 -22.53
CA ILE E 70 -7.38 -13.15 -21.07
C ILE E 70 -8.74 -13.46 -20.45
N GLY E 71 -9.81 -12.87 -20.98
CA GLY E 71 -11.15 -13.20 -20.48
C GLY E 71 -11.53 -14.64 -20.71
N SER E 72 -10.90 -15.30 -21.69
CA SER E 72 -11.18 -16.71 -21.92
C SER E 72 -10.75 -17.61 -20.75
N HIS E 73 -9.82 -17.15 -19.91
CA HIS E 73 -9.20 -17.99 -18.87
C HIS E 73 -9.83 -17.86 -17.48
N VAL E 74 -10.91 -17.09 -17.31
CA VAL E 74 -11.41 -16.85 -15.96
C VAL E 74 -11.94 -18.09 -15.23
N PRO E 75 -12.61 -19.06 -15.90
CA PRO E 75 -13.09 -20.22 -15.12
C PRO E 75 -11.98 -21.07 -14.53
N MET E 76 -10.86 -21.24 -15.24
CA MET E 76 -9.72 -21.95 -14.65
C MET E 76 -9.24 -21.25 -13.37
N ALA E 77 -9.06 -19.93 -13.45
CA ALA E 77 -8.60 -19.18 -12.27
C ALA E 77 -9.62 -19.25 -11.15
N LEU E 78 -10.90 -19.16 -11.48
CA LEU E 78 -11.93 -19.23 -10.46
C LEU E 78 -11.91 -20.59 -9.77
N ARG E 79 -11.80 -21.67 -10.55
CA ARG E 79 -11.73 -23.00 -9.95
C ARG E 79 -10.50 -23.13 -9.05
N VAL E 80 -9.36 -22.58 -9.49
CA VAL E 80 -8.14 -22.65 -8.68
C VAL E 80 -8.36 -21.94 -7.35
N ILE E 81 -8.98 -20.75 -7.40
CA ILE E 81 -9.17 -19.96 -6.19
C ILE E 81 -10.13 -20.66 -5.24
N VAL E 82 -11.23 -21.22 -5.77
CA VAL E 82 -12.18 -21.91 -4.90
C VAL E 82 -11.57 -23.16 -4.30
N SER E 83 -10.77 -23.92 -5.08
CA SER E 83 -10.12 -25.10 -4.52
C SER E 83 -9.17 -24.70 -3.39
N ILE E 84 -8.40 -23.62 -3.59
CA ILE E 84 -7.52 -23.16 -2.53
C ILE E 84 -8.34 -22.75 -1.31
N ALA E 85 -9.51 -22.15 -1.53
CA ALA E 85 -10.33 -21.75 -0.38
C ALA E 85 -10.88 -22.94 0.38
N GLU E 86 -11.25 -24.02 -0.32
CA GLU E 86 -11.85 -25.17 0.35
C GLU E 86 -10.85 -26.25 0.71
N ASP E 87 -9.59 -26.09 0.30
CA ASP E 87 -8.56 -27.07 0.64
C ASP E 87 -8.24 -26.99 2.11
N PRO E 88 -8.56 -28.00 2.91
CA PRO E 88 -8.27 -27.90 4.35
C PRO E 88 -6.79 -28.05 4.66
N ASN E 89 -6.01 -28.65 3.76
CA ASN E 89 -4.61 -28.94 4.04
C ASN E 89 -3.67 -27.88 3.47
N GLU E 90 -4.20 -26.69 3.17
CA GLU E 90 -3.42 -25.56 2.72
C GLU E 90 -3.10 -24.64 3.89
N LYS E 91 -2.03 -23.86 3.73
CA LYS E 91 -1.61 -22.93 4.76
C LYS E 91 -2.77 -21.98 5.11
N GLY E 92 -2.80 -21.54 6.36
CA GLY E 92 -3.92 -20.72 6.80
C GLY E 92 -4.01 -19.39 6.05
N GLY E 93 -2.87 -18.73 5.85
CA GLY E 93 -2.87 -17.43 5.20
C GLY E 93 -3.38 -17.47 3.78
N ILE E 94 -3.06 -18.53 3.03
CA ILE E 94 -3.51 -18.60 1.64
C ILE E 94 -5.01 -18.90 1.57
N ARG E 95 -5.51 -19.79 2.42
CA ARG E 95 -6.95 -19.98 2.53
C ARG E 95 -7.66 -18.67 2.87
N LEU E 96 -7.10 -17.91 3.82
CA LEU E 96 -7.68 -16.64 4.20
C LEU E 96 -7.67 -15.64 3.05
N LYS E 97 -6.53 -15.54 2.35
CA LYS E 97 -6.44 -14.59 1.24
C LYS E 97 -7.43 -14.97 0.15
N ALA E 98 -7.61 -16.26 -0.11
CA ALA E 98 -8.54 -16.68 -1.15
C ALA E 98 -9.98 -16.38 -0.77
N ALA E 99 -10.37 -16.67 0.48
CA ALA E 99 -11.74 -16.36 0.88
C ALA E 99 -11.99 -14.85 0.83
N GLN E 100 -11.02 -14.06 1.30
CA GLN E 100 -11.09 -12.61 1.18
C GLN E 100 -11.27 -12.18 -0.26
N ASP E 101 -10.55 -12.84 -1.18
CA ASP E 101 -10.61 -12.45 -2.58
C ASP E 101 -11.99 -12.70 -3.18
N ILE E 102 -12.57 -13.88 -2.94
CA ILE E 102 -13.87 -14.13 -3.54
C ILE E 102 -14.95 -13.27 -2.88
N LEU E 103 -14.78 -12.93 -1.59
CA LEU E 103 -15.75 -12.02 -0.99
C LEU E 103 -15.62 -10.60 -1.56
N ASP E 104 -14.40 -10.15 -1.86
CA ASP E 104 -14.23 -8.81 -2.42
C ASP E 104 -14.81 -8.74 -3.83
N ARG E 105 -14.53 -9.75 -4.66
CA ARG E 105 -15.14 -9.73 -5.99
C ARG E 105 -16.64 -9.98 -5.94
N GLY E 106 -17.13 -10.62 -4.87
CA GLY E 106 -18.56 -10.83 -4.73
C GLY E 106 -19.32 -9.59 -4.31
N GLY E 107 -18.63 -8.59 -3.77
CA GLY E 107 -19.30 -7.34 -3.46
C GLY E 107 -19.40 -7.02 -1.99
N PHE E 108 -18.37 -7.32 -1.20
CA PHE E 108 -18.39 -7.05 0.23
C PHE E 108 -16.98 -6.56 0.57
N GLY E 109 -16.83 -5.27 0.91
CA GLY E 109 -15.52 -4.63 0.97
C GLY E 109 -15.34 -3.61 2.07
N ALA E 110 -14.65 -2.51 1.76
CA ALA E 110 -14.01 -1.63 2.72
C ALA E 110 -14.89 -0.44 3.10
N LYS E 111 -14.27 0.55 3.78
CA LYS E 111 -14.99 1.57 4.54
C LYS E 111 -14.22 2.89 4.73
N GLN E 112 -14.60 3.64 5.77
CA GLN E 112 -14.49 5.10 5.83
C GLN E 112 -13.10 5.71 5.83
N LYS E 113 -13.09 7.03 5.59
CA LYS E 113 -11.92 7.90 5.61
C LYS E 113 -12.41 9.33 5.84
N VAL E 114 -11.80 10.03 6.80
CA VAL E 114 -12.17 11.39 7.16
C VAL E 114 -11.15 12.37 6.61
N GLU E 115 -11.62 13.47 6.04
CA GLU E 115 -10.78 14.47 5.42
C GLU E 115 -10.69 15.69 6.31
N LEU E 116 -9.54 16.38 6.26
CA LEU E 116 -9.35 17.62 7.00
C LEU E 116 -8.43 18.52 6.17
N THR E 117 -9.02 19.54 5.56
CA THR E 117 -8.33 20.45 4.64
C THR E 117 -8.03 21.77 5.36
N THR E 118 -6.75 22.07 5.56
CA THR E 118 -6.34 23.36 6.10
C THR E 118 -5.88 24.16 4.88
N LYS E 119 -6.83 24.93 4.32
CA LYS E 119 -6.75 25.36 2.93
C LYS E 119 -5.77 26.52 2.73
N ASN E 120 -5.26 26.60 1.50
CA ASN E 120 -4.50 27.74 1.00
C ASN E 120 -5.14 28.24 -0.28
N VAL E 121 -4.83 29.49 -0.64
CA VAL E 121 -5.26 30.08 -1.92
C VAL E 121 -4.41 31.30 -2.22
N PRO F 13 -38.65 -28.33 -26.88
CA PRO F 13 -39.29 -27.12 -26.34
C PRO F 13 -38.43 -26.43 -25.28
N LEU F 14 -37.28 -25.89 -25.69
CA LEU F 14 -36.34 -25.23 -24.78
C LEU F 14 -36.07 -23.83 -25.28
N SER F 15 -35.95 -22.91 -24.32
CA SER F 15 -35.75 -21.48 -24.62
C SER F 15 -34.33 -21.22 -25.11
N ALA F 16 -34.14 -20.19 -25.93
CA ALA F 16 -32.79 -19.80 -26.40
C ALA F 16 -32.03 -19.34 -25.16
N LYS F 17 -32.70 -18.54 -24.32
CA LYS F 17 -32.11 -18.07 -23.05
C LYS F 17 -31.68 -19.29 -22.25
N GLU F 18 -32.56 -20.27 -22.08
CA GLU F 18 -32.16 -21.43 -21.25
C GLU F 18 -30.96 -22.12 -21.88
N LYS F 19 -30.99 -22.33 -23.18
CA LYS F 19 -29.84 -22.97 -23.86
C LYS F 19 -28.61 -22.12 -23.55
N LEU F 20 -28.76 -20.80 -23.69
CA LEU F 20 -27.64 -19.92 -23.40
C LEU F 20 -27.12 -20.10 -21.97
N ASP F 21 -28.03 -20.26 -21.00
CA ASP F 21 -27.58 -20.49 -19.62
C ASP F 21 -26.90 -21.84 -19.46
N LEU F 22 -27.36 -22.86 -20.18
CA LEU F 22 -26.65 -24.14 -20.15
C LEU F 22 -25.27 -24.01 -20.78
N TYR F 23 -25.16 -23.24 -21.87
CA TYR F 23 -23.86 -22.99 -22.46
C TYR F 23 -22.93 -22.27 -21.48
N CYS F 24 -23.47 -21.30 -20.73
CA CYS F 24 -22.64 -20.58 -19.77
C CYS F 24 -22.18 -21.49 -18.63
N GLU F 25 -23.07 -22.34 -18.11
CA GLU F 25 -22.67 -23.26 -17.06
C GLU F 25 -21.62 -24.24 -17.57
N GLY F 26 -21.79 -24.72 -18.80
CA GLY F 26 -20.81 -25.60 -19.40
C GLY F 26 -19.48 -24.93 -19.65
N LEU F 27 -19.49 -23.65 -20.00
CA LEU F 27 -18.24 -22.92 -20.17
C LEU F 27 -17.55 -22.71 -18.83
N ALA F 28 -18.34 -22.51 -17.77
CA ALA F 28 -17.75 -22.31 -16.45
C ALA F 28 -17.15 -23.62 -15.91
N ASP F 29 -17.71 -24.77 -16.30
CA ASP F 29 -17.22 -26.05 -15.78
C ASP F 29 -16.37 -26.84 -16.78
N GLY F 30 -16.81 -26.97 -18.03
CA GLY F 30 -16.13 -27.85 -18.98
C GLY F 30 -15.07 -27.20 -19.84
N LEU F 31 -14.91 -25.88 -19.72
CA LEU F 31 -13.75 -25.14 -20.22
C LEU F 31 -13.39 -25.46 -21.67
N ASN F 32 -14.34 -25.20 -22.57
CA ASN F 32 -14.01 -25.13 -23.99
C ASN F 32 -15.19 -24.54 -24.76
N LYS F 33 -14.92 -23.58 -25.65
CA LYS F 33 -16.01 -22.90 -26.33
C LYS F 33 -16.81 -23.85 -27.19
N THR F 34 -16.14 -24.59 -28.08
CA THR F 34 -16.85 -25.51 -28.95
C THR F 34 -17.47 -26.66 -28.15
N GLN F 35 -16.77 -27.12 -27.12
CA GLN F 35 -17.28 -28.22 -26.30
C GLN F 35 -18.53 -27.81 -25.55
N ALA F 36 -18.51 -26.64 -24.90
CA ALA F 36 -19.71 -26.15 -24.20
C ALA F 36 -20.82 -25.80 -25.17
N TYR F 37 -20.46 -25.38 -26.39
CA TYR F 37 -21.45 -25.07 -27.41
C TYR F 37 -22.24 -26.31 -27.77
N VAL F 38 -21.54 -27.41 -28.07
CA VAL F 38 -22.25 -28.64 -28.40
C VAL F 38 -22.87 -29.26 -27.15
N ALA F 39 -22.35 -28.98 -25.96
CA ALA F 39 -22.96 -29.50 -24.74
C ALA F 39 -24.23 -28.74 -24.41
N ALA F 40 -24.44 -27.57 -25.01
CA ALA F 40 -25.69 -26.85 -24.88
C ALA F 40 -26.79 -27.46 -25.77
N GLY F 41 -26.41 -28.36 -26.68
CA GLY F 41 -27.36 -29.04 -27.54
C GLY F 41 -27.50 -28.41 -28.90
N PHE F 42 -26.39 -28.13 -29.56
CA PHE F 42 -26.37 -27.48 -30.86
C PHE F 42 -25.71 -28.37 -31.92
N SER F 43 -25.59 -27.81 -33.13
CA SER F 43 -25.02 -28.51 -34.29
C SER F 43 -23.50 -28.63 -34.17
N PRO F 44 -22.93 -29.85 -34.24
CA PRO F 44 -21.48 -30.01 -34.00
C PRO F 44 -20.56 -29.62 -35.16
N ASN F 45 -21.04 -29.58 -36.42
CA ASN F 45 -20.14 -29.25 -37.51
C ASN F 45 -20.05 -27.74 -37.75
N HIS F 46 -21.19 -27.04 -37.69
CA HIS F 46 -21.20 -25.59 -37.83
C HIS F 46 -21.00 -24.99 -36.43
N ALA F 47 -19.76 -25.11 -35.97
CA ALA F 47 -19.39 -24.84 -34.59
C ALA F 47 -18.31 -23.78 -34.44
N GLN F 48 -17.19 -23.91 -35.14
CA GLN F 48 -15.99 -23.16 -34.79
C GLN F 48 -16.12 -21.67 -35.10
N ARG F 49 -16.87 -21.32 -36.16
CA ARG F 49 -17.21 -19.92 -36.40
C ARG F 49 -18.46 -19.55 -35.61
N ASN F 50 -19.37 -20.49 -35.45
CA ASN F 50 -20.67 -20.20 -34.82
C ASN F 50 -20.52 -20.01 -33.32
N VAL F 51 -19.63 -20.79 -32.68
CA VAL F 51 -19.42 -20.59 -31.25
C VAL F 51 -18.71 -19.27 -30.98
N ALA F 52 -17.80 -18.88 -31.87
CA ALA F 52 -17.12 -17.60 -31.70
C ALA F 52 -18.11 -16.45 -31.83
N ALA F 53 -18.97 -16.50 -32.85
CA ALA F 53 -19.99 -15.47 -33.05
C ALA F 53 -20.98 -15.45 -31.88
N TYR F 54 -21.39 -16.62 -31.40
CA TYR F 54 -22.28 -16.72 -30.25
C TYR F 54 -21.65 -16.11 -29.00
N HIS F 55 -20.35 -16.35 -28.79
CA HIS F 55 -19.66 -15.79 -27.64
C HIS F 55 -19.57 -14.27 -27.72
N ARG F 56 -19.13 -13.74 -28.86
CA ARG F 56 -19.07 -12.29 -28.98
C ARG F 56 -20.45 -11.64 -28.99
N LYS F 57 -21.51 -12.38 -29.29
CA LYS F 57 -22.85 -11.77 -29.27
C LYS F 57 -23.34 -11.58 -27.83
N HIS F 58 -23.24 -12.62 -27.00
CA HIS F 58 -23.82 -12.60 -25.66
C HIS F 58 -22.77 -12.38 -24.57
N SER F 59 -21.73 -11.60 -24.85
CA SER F 59 -20.61 -11.42 -23.93
C SER F 59 -21.06 -10.79 -22.60
N GLU F 60 -21.90 -9.75 -22.66
CA GLU F 60 -22.28 -9.05 -21.43
C GLU F 60 -23.05 -9.98 -20.50
N TYR F 61 -23.94 -10.81 -21.05
CA TYR F 61 -24.65 -11.77 -20.23
C TYR F 61 -23.71 -12.83 -19.66
N ILE F 62 -22.73 -13.29 -20.45
CA ILE F 62 -21.80 -14.28 -19.91
C ILE F 62 -21.04 -13.70 -18.74
N ASN F 63 -20.60 -12.45 -18.84
CA ASN F 63 -19.90 -11.82 -17.74
C ASN F 63 -20.81 -11.61 -16.53
N ALA F 64 -22.07 -11.21 -16.75
CA ALA F 64 -23.00 -11.08 -15.64
C ALA F 64 -23.21 -12.44 -14.97
N PHE F 65 -23.29 -13.49 -15.78
CA PHE F 65 -23.44 -14.84 -15.26
C PHE F 65 -22.24 -15.22 -14.41
N ILE F 66 -21.03 -14.85 -14.86
CA ILE F 66 -19.82 -15.22 -14.14
C ILE F 66 -19.77 -14.48 -12.79
N SER F 67 -20.27 -13.24 -12.76
CA SER F 67 -20.36 -12.56 -11.47
C SER F 67 -21.40 -13.23 -10.56
N GLU F 68 -22.49 -13.73 -11.15
CA GLU F 68 -23.47 -14.48 -10.37
C GLU F 68 -22.84 -15.76 -9.81
N ARG F 69 -21.98 -16.39 -10.61
CA ARG F 69 -21.28 -17.59 -10.18
C ARG F 69 -20.31 -17.30 -9.05
N ILE F 70 -19.61 -16.16 -9.12
CA ILE F 70 -18.73 -15.75 -8.03
C ILE F 70 -19.53 -15.49 -6.76
N GLY F 71 -20.65 -14.78 -6.87
CA GLY F 71 -21.48 -14.57 -5.71
C GLY F 71 -22.04 -15.85 -5.13
N SER F 72 -22.17 -16.90 -5.96
CA SER F 72 -22.68 -18.16 -5.45
C SER F 72 -21.75 -18.77 -4.41
N HIS F 73 -20.46 -18.38 -4.37
CA HIS F 73 -19.48 -18.98 -3.47
C HIS F 73 -19.24 -18.21 -2.18
N VAL F 74 -19.93 -17.10 -1.94
CA VAL F 74 -19.58 -16.30 -0.75
C VAL F 74 -19.88 -17.02 0.56
N PRO F 75 -20.93 -17.86 0.69
CA PRO F 75 -21.12 -18.55 1.98
C PRO F 75 -19.99 -19.51 2.32
N MET F 76 -19.40 -20.18 1.32
CA MET F 76 -18.25 -21.03 1.59
C MET F 76 -17.10 -20.22 2.17
N ALA F 77 -16.77 -19.09 1.54
CA ALA F 77 -15.70 -18.24 2.02
C ALA F 77 -16.00 -17.71 3.41
N LEU F 78 -17.27 -17.38 3.65
CA LEU F 78 -17.68 -16.90 4.97
C LEU F 78 -17.43 -17.97 6.03
N ARG F 79 -17.83 -19.22 5.72
CA ARG F 79 -17.56 -20.31 6.66
C ARG F 79 -16.06 -20.48 6.88
N VAL F 80 -15.28 -20.36 5.81
CA VAL F 80 -13.83 -20.55 5.90
C VAL F 80 -13.23 -19.52 6.86
N ILE F 81 -13.62 -18.26 6.69
CA ILE F 81 -13.06 -17.20 7.52
C ILE F 81 -13.51 -17.35 8.97
N VAL F 82 -14.78 -17.70 9.18
CA VAL F 82 -15.25 -17.88 10.55
C VAL F 82 -14.51 -19.03 11.22
N SER F 83 -14.29 -20.12 10.47
CA SER F 83 -13.55 -21.26 11.00
C SER F 83 -12.12 -20.88 11.33
N ILE F 84 -11.47 -20.08 10.48
CA ILE F 84 -10.11 -19.66 10.77
C ILE F 84 -10.07 -18.80 12.03
N ALA F 85 -11.10 -17.97 12.22
CA ALA F 85 -11.14 -17.15 13.42
C ALA F 85 -11.37 -18.00 14.67
N GLU F 86 -12.17 -19.06 14.56
CA GLU F 86 -12.57 -19.86 15.70
C GLU F 86 -11.65 -21.05 15.97
N ASP F 87 -10.63 -21.26 15.14
CA ASP F 87 -9.69 -22.36 15.34
C ASP F 87 -8.73 -22.07 16.48
N PRO F 88 -8.80 -22.81 17.61
CA PRO F 88 -7.89 -22.52 18.72
C PRO F 88 -6.45 -22.95 18.44
N ASN F 89 -6.23 -23.84 17.48
CA ASN F 89 -4.89 -24.36 17.18
C ASN F 89 -4.28 -23.72 15.93
N GLU F 90 -4.75 -22.54 15.54
CA GLU F 90 -4.19 -21.83 14.39
C GLU F 90 -3.15 -20.80 14.83
N LYS F 91 -2.28 -20.44 13.90
CA LYS F 91 -1.28 -19.42 14.16
C LYS F 91 -1.95 -18.12 14.59
N GLY F 92 -1.25 -17.35 15.42
CA GLY F 92 -1.85 -16.13 15.96
C GLY F 92 -2.14 -15.09 14.89
N GLY F 93 -1.18 -14.86 13.99
CA GLY F 93 -1.33 -13.81 13.01
C GLY F 93 -2.50 -14.05 12.07
N ILE F 94 -2.72 -15.31 11.69
CA ILE F 94 -3.79 -15.60 10.76
C ILE F 94 -5.15 -15.45 11.43
N ARG F 95 -5.27 -15.92 12.67
CA ARG F 95 -6.50 -15.67 13.42
C ARG F 95 -6.76 -14.17 13.52
N LEU F 96 -5.70 -13.40 13.79
CA LEU F 96 -5.85 -11.95 13.90
C LEU F 96 -6.34 -11.36 12.59
N LYS F 97 -5.77 -11.79 11.47
CA LYS F 97 -6.21 -11.27 10.18
C LYS F 97 -7.66 -11.64 9.90
N ALA F 98 -8.07 -12.85 10.27
CA ALA F 98 -9.45 -13.25 10.03
C ALA F 98 -10.42 -12.43 10.87
N ALA F 99 -10.09 -12.21 12.14
CA ALA F 99 -10.94 -11.39 13.00
C ALA F 99 -10.98 -9.94 12.52
N GLN F 100 -9.82 -9.40 12.11
CA GLN F 100 -9.78 -8.06 11.53
C GLN F 100 -10.71 -7.98 10.33
N ASP F 101 -10.68 -9.00 9.48
CA ASP F 101 -11.51 -8.99 8.28
C ASP F 101 -12.99 -9.02 8.64
N ILE F 102 -13.36 -9.84 9.61
CA ILE F 102 -14.78 -9.93 9.98
C ILE F 102 -15.23 -8.62 10.62
N LEU F 103 -14.35 -7.97 11.37
CA LEU F 103 -14.71 -6.68 11.97
C LEU F 103 -14.84 -5.59 10.90
N ASP F 104 -13.98 -5.63 9.88
CA ASP F 104 -14.04 -4.64 8.81
C ASP F 104 -15.28 -4.82 7.95
N ARG F 105 -15.59 -6.06 7.55
CA ARG F 105 -16.81 -6.28 6.78
C ARG F 105 -18.06 -6.09 7.62
N GLY F 106 -17.96 -6.20 8.95
CA GLY F 106 -19.11 -5.94 9.79
C GLY F 106 -19.42 -4.47 9.97
N GLY F 107 -18.47 -3.59 9.69
CA GLY F 107 -18.69 -2.14 9.71
C GLY F 107 -17.96 -1.32 10.75
N PHE F 108 -16.71 -1.69 11.09
CA PHE F 108 -15.89 -0.97 12.06
C PHE F 108 -14.47 -0.90 11.53
N GLY F 109 -13.99 0.30 11.16
CA GLY F 109 -12.74 0.39 10.41
C GLY F 109 -11.80 1.56 10.65
N ALA F 110 -11.23 2.10 9.55
CA ALA F 110 -10.04 2.94 9.60
C ALA F 110 -10.42 4.42 9.64
N LYS F 111 -9.46 5.33 9.49
CA LYS F 111 -9.68 6.70 9.92
C LYS F 111 -8.92 7.70 9.06
N GLN F 112 -8.59 8.86 9.67
CA GLN F 112 -8.39 10.18 9.06
C GLN F 112 -7.04 10.36 8.37
N LYS F 113 -6.95 11.48 7.64
CA LYS F 113 -5.76 11.97 6.95
C LYS F 113 -5.99 13.47 6.74
N VAL F 114 -4.95 14.29 7.02
CA VAL F 114 -5.04 15.75 6.98
C VAL F 114 -4.42 16.31 5.70
N GLU F 115 -5.10 17.28 5.09
CA GLU F 115 -4.67 17.91 3.85
C GLU F 115 -4.12 19.31 4.11
N LEU F 116 -3.13 19.67 3.33
CA LEU F 116 -2.50 21.00 3.39
C LEU F 116 -1.87 21.20 2.02
N THR F 117 -2.32 22.20 1.28
CA THR F 117 -1.84 22.44 -0.08
C THR F 117 -0.85 23.61 -0.13
N THR F 118 0.38 23.31 -0.54
CA THR F 118 1.43 24.32 -0.75
C THR F 118 1.53 24.54 -2.26
N LYS F 119 0.85 25.57 -2.74
CA LYS F 119 0.89 25.95 -4.16
C LYS F 119 1.11 27.46 -4.34
N LEU G 14 -46.52 -21.04 7.16
CA LEU G 14 -46.53 -19.59 7.30
C LEU G 14 -46.39 -18.96 5.91
N SER G 15 -46.03 -17.68 5.87
CA SER G 15 -45.88 -16.96 4.62
C SER G 15 -44.73 -17.55 3.79
N ALA G 16 -44.87 -17.47 2.46
CA ALA G 16 -43.80 -17.87 1.55
C ALA G 16 -42.48 -17.18 1.87
N LYS G 17 -42.51 -16.01 2.52
CA LYS G 17 -41.30 -15.31 2.92
C LYS G 17 -40.57 -16.06 4.03
N GLU G 18 -41.30 -16.81 4.87
CA GLU G 18 -40.65 -17.63 5.88
C GLU G 18 -39.96 -18.82 5.24
N LYS G 19 -40.58 -19.38 4.19
CA LYS G 19 -39.92 -20.43 3.42
C LYS G 19 -38.70 -19.90 2.69
N LEU G 20 -38.76 -18.63 2.24
CA LEU G 20 -37.59 -17.99 1.63
C LEU G 20 -36.47 -17.78 2.63
N ASP G 21 -36.77 -17.33 3.85
CA ASP G 21 -35.67 -17.14 4.79
C ASP G 21 -35.07 -18.47 5.23
N LEU G 22 -35.90 -19.52 5.22
CA LEU G 22 -35.44 -20.89 5.57
C LEU G 22 -34.49 -21.31 4.45
N TYR G 23 -34.86 -21.01 3.21
CA TYR G 23 -34.01 -21.29 2.05
C TYR G 23 -32.70 -20.51 2.13
N CYS G 24 -32.75 -19.26 2.60
CA CYS G 24 -31.54 -18.47 2.79
C CYS G 24 -30.66 -19.09 3.85
N GLU G 25 -31.27 -19.61 4.92
CA GLU G 25 -30.50 -20.28 5.97
C GLU G 25 -29.79 -21.51 5.42
N GLY G 26 -30.47 -22.28 4.55
CA GLY G 26 -29.82 -23.41 3.93
C GLY G 26 -28.71 -23.01 2.98
N LEU G 27 -28.90 -21.89 2.28
CA LEU G 27 -27.86 -21.37 1.38
C LEU G 27 -26.65 -20.87 2.15
N ALA G 28 -26.87 -20.32 3.34
CA ALA G 28 -25.76 -19.77 4.14
C ALA G 28 -24.85 -20.87 4.66
N ASP G 29 -25.35 -22.10 4.84
CA ASP G 29 -24.56 -23.17 5.42
C ASP G 29 -24.07 -24.21 4.41
N GLY G 30 -24.91 -24.71 3.51
CA GLY G 30 -24.52 -25.85 2.69
C GLY G 30 -23.99 -25.65 1.28
N LEU G 31 -23.89 -24.41 0.80
CA LEU G 31 -23.27 -24.08 -0.49
C LEU G 31 -23.82 -24.96 -1.60
N ASN G 32 -25.13 -24.83 -1.83
CA ASN G 32 -25.76 -25.40 -3.02
C ASN G 32 -27.15 -24.80 -3.19
N LYS G 33 -27.43 -24.29 -4.39
CA LYS G 33 -28.71 -23.65 -4.64
C LYS G 33 -29.83 -24.68 -4.63
N THR G 34 -29.63 -25.79 -5.35
CA THR G 34 -30.64 -26.84 -5.43
C THR G 34 -30.85 -27.54 -4.09
N GLN G 35 -29.78 -27.76 -3.32
CA GLN G 35 -29.95 -28.41 -2.02
C GLN G 35 -30.77 -27.52 -1.07
N ALA G 36 -30.44 -26.23 -1.02
CA ALA G 36 -31.22 -25.33 -0.19
C ALA G 36 -32.65 -25.21 -0.70
N TYR G 37 -32.84 -25.38 -2.01
CA TYR G 37 -34.18 -25.37 -2.57
C TYR G 37 -34.99 -26.58 -2.10
N VAL G 38 -34.42 -27.78 -2.20
CA VAL G 38 -35.14 -28.99 -1.81
C VAL G 38 -35.30 -29.07 -0.29
N ALA G 39 -34.44 -28.40 0.47
CA ALA G 39 -34.63 -28.37 1.91
C ALA G 39 -35.78 -27.44 2.30
N ALA G 40 -36.21 -26.56 1.41
CA ALA G 40 -37.37 -25.70 1.64
C ALA G 40 -38.70 -26.40 1.41
N GLY G 41 -38.70 -27.59 0.79
CA GLY G 41 -39.96 -28.28 0.56
C GLY G 41 -40.46 -27.97 -0.84
N PHE G 42 -39.63 -28.17 -1.84
CA PHE G 42 -39.95 -27.82 -3.22
C PHE G 42 -39.98 -29.07 -4.11
N SER G 43 -40.18 -28.84 -5.41
CA SER G 43 -40.32 -29.92 -6.40
C SER G 43 -38.99 -30.62 -6.63
N PRO G 44 -38.88 -31.93 -6.40
CA PRO G 44 -37.59 -32.60 -6.62
C PRO G 44 -37.32 -32.89 -8.09
N ASN G 45 -38.35 -32.85 -8.92
CA ASN G 45 -38.25 -33.12 -10.35
C ASN G 45 -37.90 -31.85 -11.13
N HIS G 46 -38.56 -30.73 -10.80
CA HIS G 46 -38.20 -29.42 -11.36
C HIS G 46 -37.22 -28.80 -10.38
N ALA G 47 -35.94 -29.05 -10.62
CA ALA G 47 -34.85 -28.74 -9.70
C ALA G 47 -33.96 -27.65 -10.23
N GLN G 48 -33.49 -27.80 -11.46
CA GLN G 48 -32.62 -26.82 -12.10
C GLN G 48 -33.40 -25.59 -12.56
N ARG G 49 -34.72 -25.71 -12.72
CA ARG G 49 -35.51 -24.59 -13.24
C ARG G 49 -35.83 -23.53 -12.20
N ASN G 50 -36.48 -23.90 -11.10
CA ASN G 50 -37.08 -22.88 -10.23
C ASN G 50 -36.07 -22.17 -9.33
N VAL G 51 -35.01 -22.86 -8.88
CA VAL G 51 -34.06 -22.22 -7.97
C VAL G 51 -33.29 -21.11 -8.67
N ALA G 52 -32.99 -21.28 -9.96
CA ALA G 52 -32.26 -20.24 -10.69
C ALA G 52 -33.08 -18.95 -10.81
N ALA G 53 -34.33 -19.06 -11.25
CA ALA G 53 -35.18 -17.87 -11.36
C ALA G 53 -35.45 -17.24 -10.00
N TYR G 54 -35.72 -18.09 -9.00
CA TYR G 54 -35.97 -17.61 -7.65
C TYR G 54 -34.77 -16.83 -7.10
N HIS G 55 -33.56 -17.35 -7.30
CA HIS G 55 -32.36 -16.68 -6.84
C HIS G 55 -32.10 -15.39 -7.61
N ARG G 56 -32.27 -15.44 -8.93
CA ARG G 56 -32.05 -14.25 -9.76
C ARG G 56 -33.06 -13.14 -9.46
N LYS G 57 -34.23 -13.49 -8.91
CA LYS G 57 -35.21 -12.48 -8.55
C LYS G 57 -34.89 -11.80 -7.21
N HIS G 58 -34.57 -12.59 -6.18
CA HIS G 58 -34.55 -12.15 -4.78
C HIS G 58 -33.14 -11.81 -4.31
N SER G 59 -32.31 -11.24 -5.18
CA SER G 59 -30.90 -11.02 -4.84
C SER G 59 -30.72 -10.12 -3.62
N GLU G 60 -31.46 -9.01 -3.55
CA GLU G 60 -31.24 -8.03 -2.50
C GLU G 60 -31.53 -8.57 -1.10
N TYR G 61 -32.58 -9.37 -0.94
CA TYR G 61 -32.87 -9.92 0.38
C TYR G 61 -31.75 -10.85 0.83
N ILE G 62 -31.23 -11.66 -0.09
CA ILE G 62 -30.14 -12.58 0.24
C ILE G 62 -28.88 -11.80 0.61
N ASN G 63 -28.60 -10.72 -0.13
CA ASN G 63 -27.41 -9.92 0.19
C ASN G 63 -27.54 -9.26 1.55
N ALA G 64 -28.71 -8.70 1.86
CA ALA G 64 -28.90 -8.11 3.19
C ALA G 64 -28.80 -9.18 4.27
N PHE G 65 -29.35 -10.37 4.01
CA PHE G 65 -29.29 -11.45 4.98
C PHE G 65 -27.86 -11.90 5.25
N ILE G 66 -27.05 -12.06 4.20
CA ILE G 66 -25.67 -12.50 4.41
C ILE G 66 -24.81 -11.39 5.02
N SER G 67 -25.08 -10.10 4.70
CA SER G 67 -24.34 -9.04 5.38
C SER G 67 -24.70 -8.98 6.86
N GLU G 68 -25.96 -9.28 7.19
CA GLU G 68 -26.35 -9.38 8.59
C GLU G 68 -25.67 -10.57 9.25
N ARG G 69 -25.50 -11.68 8.52
CA ARG G 69 -24.79 -12.83 9.05
C ARG G 69 -23.31 -12.52 9.28
N ILE G 70 -22.70 -11.74 8.39
CA ILE G 70 -21.32 -11.31 8.61
C ILE G 70 -21.23 -10.48 9.88
N GLY G 71 -22.18 -9.56 10.06
CA GLY G 71 -22.20 -8.77 11.29
C GLY G 71 -22.50 -9.59 12.53
N SER G 72 -23.16 -10.73 12.37
CA SER G 72 -23.49 -11.58 13.52
C SER G 72 -22.25 -12.12 14.22
N HIS G 73 -21.10 -12.14 13.54
CA HIS G 73 -19.91 -12.76 14.09
C HIS G 73 -18.94 -11.76 14.72
N VAL G 74 -19.28 -10.48 14.76
CA VAL G 74 -18.34 -9.46 15.24
C VAL G 74 -17.99 -9.63 16.72
N PRO G 75 -18.88 -10.08 17.63
CA PRO G 75 -18.41 -10.26 19.02
C PRO G 75 -17.35 -11.34 19.13
N MET G 76 -17.48 -12.40 18.34
CA MET G 76 -16.44 -13.44 18.31
C MET G 76 -15.11 -12.86 17.88
N ALA G 77 -15.10 -12.07 16.79
CA ALA G 77 -13.87 -11.47 16.30
C ALA G 77 -13.28 -10.50 17.33
N LEU G 78 -14.13 -9.73 18.00
CA LEU G 78 -13.64 -8.83 19.03
C LEU G 78 -13.00 -9.60 20.17
N ARG G 79 -13.66 -10.67 20.63
CA ARG G 79 -13.08 -11.49 21.69
C ARG G 79 -11.76 -12.10 21.25
N VAL G 80 -11.67 -12.56 20.00
CA VAL G 80 -10.43 -13.15 19.49
C VAL G 80 -9.30 -12.12 19.51
N ILE G 81 -9.59 -10.90 19.04
CA ILE G 81 -8.56 -9.87 18.99
C ILE G 81 -8.12 -9.47 20.39
N VAL G 82 -9.08 -9.39 21.33
CA VAL G 82 -8.73 -9.07 22.71
C VAL G 82 -7.87 -10.18 23.31
N SER G 83 -8.20 -11.44 23.00
CA SER G 83 -7.42 -12.56 23.51
C SER G 83 -6.00 -12.54 22.96
N ILE G 84 -5.85 -12.25 21.67
CA ILE G 84 -4.51 -12.18 21.08
C ILE G 84 -3.70 -11.05 21.72
N ALA G 85 -4.37 -9.94 22.05
CA ALA G 85 -3.64 -8.83 22.67
C ALA G 85 -3.24 -9.16 24.11
N GLU G 86 -4.09 -9.89 24.83
CA GLU G 86 -3.88 -10.21 26.24
C GLU G 86 -3.24 -11.59 26.47
N ASP G 87 -3.01 -12.36 25.42
CA ASP G 87 -2.39 -13.68 25.57
C ASP G 87 -0.92 -13.46 25.92
N PRO G 88 -0.46 -13.86 27.11
CA PRO G 88 0.91 -13.49 27.53
C PRO G 88 2.02 -14.17 26.77
N ASN G 89 1.75 -15.31 26.11
CA ASN G 89 2.78 -16.08 25.43
C ASN G 89 2.73 -15.92 23.90
N GLU G 90 2.16 -14.82 23.40
CA GLU G 90 2.12 -14.63 21.96
C GLU G 90 3.34 -13.82 21.50
N LYS G 91 3.70 -14.00 20.23
CA LYS G 91 4.85 -13.31 19.66
C LYS G 91 4.68 -11.80 19.78
N GLY G 92 5.82 -11.10 19.87
CA GLY G 92 5.77 -9.66 20.08
C GLY G 92 5.08 -8.92 18.94
N GLY G 93 5.43 -9.28 17.69
CA GLY G 93 4.84 -8.60 16.55
C GLY G 93 3.33 -8.75 16.49
N ILE G 94 2.81 -9.92 16.85
CA ILE G 94 1.38 -10.14 16.78
C ILE G 94 0.65 -9.36 17.86
N ARG G 95 1.26 -9.30 19.03
CA ARG G 95 0.61 -8.51 20.09
C ARG G 95 0.59 -7.06 19.65
N LEU G 96 1.69 -6.57 19.10
CA LEU G 96 1.73 -5.16 18.70
C LEU G 96 0.71 -4.86 17.62
N LYS G 97 0.57 -5.75 16.62
CA LYS G 97 -0.37 -5.51 15.53
C LYS G 97 -1.82 -5.55 16.02
N ALA G 98 -2.16 -6.48 16.92
CA ALA G 98 -3.51 -6.49 17.46
C ALA G 98 -3.80 -5.25 18.30
N ALA G 99 -2.82 -4.82 19.10
CA ALA G 99 -3.00 -3.60 19.89
C ALA G 99 -3.18 -2.38 18.99
N GLN G 100 -2.37 -2.27 17.94
CA GLN G 100 -2.54 -1.19 16.96
C GLN G 100 -3.95 -1.21 16.38
N ASP G 101 -4.47 -2.42 16.09
CA ASP G 101 -5.79 -2.54 15.50
C ASP G 101 -6.88 -2.03 16.45
N ILE G 102 -6.83 -2.44 17.71
CA ILE G 102 -7.91 -1.98 18.59
C ILE G 102 -7.74 -0.49 18.92
N LEU G 103 -6.51 0.03 18.93
CA LEU G 103 -6.37 1.47 19.14
C LEU G 103 -6.93 2.25 17.97
N ASP G 104 -6.74 1.74 16.74
CA ASP G 104 -7.29 2.41 15.57
C ASP G 104 -8.83 2.36 15.57
N ARG G 105 -9.40 1.20 15.89
CA ARG G 105 -10.86 1.12 15.97
C ARG G 105 -11.42 1.90 17.15
N GLY G 106 -10.62 2.16 18.19
CA GLY G 106 -11.08 2.96 19.32
C GLY G 106 -11.13 4.44 19.06
N GLY G 107 -10.44 4.92 18.03
CA GLY G 107 -10.52 6.32 17.64
C GLY G 107 -9.23 7.07 17.85
N PHE G 108 -8.09 6.41 17.61
CA PHE G 108 -6.78 7.04 17.78
C PHE G 108 -5.95 6.61 16.57
N GLY G 109 -5.63 7.57 15.70
CA GLY G 109 -5.16 7.21 14.37
C GLY G 109 -4.10 8.06 13.72
N ALA G 110 -4.29 8.35 12.43
CA ALA G 110 -3.24 8.74 11.50
C ALA G 110 -3.06 10.26 11.46
N LYS G 111 -2.35 10.73 10.43
CA LYS G 111 -1.69 12.01 10.46
C LYS G 111 -1.67 12.65 9.07
N GLN G 112 -0.71 13.55 8.86
CA GLN G 112 -0.68 14.68 7.94
C GLN G 112 -0.28 14.27 6.52
N LYS G 113 -0.50 15.18 5.58
CA LYS G 113 -0.05 15.04 4.20
C LYS G 113 -0.05 16.43 3.56
N VAL G 114 1.06 16.81 2.93
CA VAL G 114 1.21 18.13 2.30
C VAL G 114 1.09 17.96 0.80
N GLU G 115 0.33 18.82 0.15
CA GLU G 115 0.11 18.68 -1.28
C GLU G 115 0.84 19.81 -2.01
N LEU G 116 1.18 19.56 -3.28
CA LEU G 116 1.79 20.59 -4.13
C LEU G 116 1.26 20.39 -5.55
N THR G 117 0.40 21.30 -6.00
CA THR G 117 -0.36 21.17 -7.23
C THR G 117 0.27 21.95 -8.39
N THR G 118 0.76 21.23 -9.39
CA THR G 118 1.20 21.83 -10.68
C THR G 118 0.15 21.56 -11.76
N LYS G 119 0.17 22.30 -12.87
CA LYS G 119 -0.89 22.17 -13.91
C LYS G 119 -0.27 22.11 -15.30
N ASN G 120 -1.03 21.64 -16.30
CA ASN G 120 -0.49 21.46 -17.68
C ASN G 120 -0.12 22.81 -18.29
N VAL G 121 0.94 22.84 -19.12
CA VAL G 121 1.37 24.09 -19.80
C VAL G 121 0.22 24.62 -20.66
N PRO H 13 -39.59 -5.34 36.21
CA PRO H 13 -39.89 -3.92 36.08
C PRO H 13 -38.63 -3.06 35.95
N LEU H 14 -37.97 -3.16 34.80
CA LEU H 14 -36.70 -2.48 34.57
C LEU H 14 -36.79 -1.60 33.34
N SER H 15 -35.92 -0.59 33.28
CA SER H 15 -35.87 0.31 32.14
C SER H 15 -35.70 -0.48 30.85
N ALA H 16 -36.53 -0.16 29.85
CA ALA H 16 -36.50 -0.89 28.59
C ALA H 16 -35.16 -0.73 27.90
N LYS H 17 -34.51 0.43 28.06
CA LYS H 17 -33.16 0.60 27.54
C LYS H 17 -32.17 -0.18 28.39
N GLU H 18 -32.44 -0.36 29.68
CA GLU H 18 -31.53 -1.14 30.53
C GLU H 18 -31.66 -2.63 30.26
N LYS H 19 -32.88 -3.14 30.00
CA LYS H 19 -33.00 -4.53 29.56
C LYS H 19 -32.38 -4.69 28.18
N LEU H 20 -32.44 -3.65 27.33
CA LEU H 20 -31.74 -3.68 26.06
C LEU H 20 -30.23 -3.76 26.27
N ASP H 21 -29.70 -3.03 27.26
CA ASP H 21 -28.27 -3.12 27.56
C ASP H 21 -27.89 -4.47 28.11
N LEU H 22 -28.78 -5.11 28.88
CA LEU H 22 -28.49 -6.47 29.33
C LEU H 22 -28.49 -7.43 28.15
N TYR H 23 -29.42 -7.24 27.21
CA TYR H 23 -29.41 -8.03 25.97
C TYR H 23 -28.11 -7.83 25.19
N CYS H 24 -27.62 -6.59 25.13
CA CYS H 24 -26.37 -6.30 24.42
C CYS H 24 -25.17 -6.95 25.12
N GLU H 25 -25.11 -6.85 26.45
CA GLU H 25 -24.00 -7.47 27.17
C GLU H 25 -24.02 -8.99 27.04
N GLY H 26 -25.21 -9.60 27.09
CA GLY H 26 -25.29 -11.04 26.89
C GLY H 26 -24.94 -11.45 25.47
N LEU H 27 -25.27 -10.61 24.48
CA LEU H 27 -24.90 -10.91 23.10
C LEU H 27 -23.39 -10.75 22.87
N ALA H 28 -22.74 -9.84 23.60
CA ALA H 28 -21.32 -9.61 23.35
C ALA H 28 -20.44 -10.80 23.73
N ASP H 29 -20.85 -11.61 24.69
CA ASP H 29 -20.04 -12.76 25.10
C ASP H 29 -20.59 -14.11 24.64
N GLY H 30 -21.89 -14.38 24.80
CA GLY H 30 -22.42 -15.71 24.53
C GLY H 30 -22.92 -15.98 23.13
N LEU H 31 -22.89 -14.98 22.27
CA LEU H 31 -23.03 -15.12 20.83
C LEU H 31 -24.27 -15.95 20.41
N ASN H 32 -25.45 -15.44 20.77
CA ASN H 32 -26.69 -15.94 20.19
C ASN H 32 -27.80 -14.94 20.46
N LYS H 33 -28.51 -14.54 19.40
CA LYS H 33 -29.49 -13.44 19.48
C LYS H 33 -30.72 -13.81 20.30
N THR H 34 -31.38 -14.92 19.96
CA THR H 34 -32.59 -15.31 20.68
C THR H 34 -32.27 -15.72 22.12
N GLN H 35 -31.12 -16.35 22.34
CA GLN H 35 -30.71 -16.76 23.68
C GLN H 35 -30.50 -15.56 24.58
N ALA H 36 -29.78 -14.54 24.07
CA ALA H 36 -29.63 -13.30 24.83
C ALA H 36 -30.95 -12.56 24.97
N TYR H 37 -31.87 -12.72 24.01
CA TYR H 37 -33.18 -12.09 24.10
C TYR H 37 -33.99 -12.65 25.27
N VAL H 38 -34.09 -13.98 25.36
CA VAL H 38 -34.81 -14.56 26.48
C VAL H 38 -34.02 -14.38 27.78
N ALA H 39 -32.70 -14.25 27.68
CA ALA H 39 -31.89 -13.92 28.85
C ALA H 39 -32.03 -12.45 29.21
N ALA H 40 -32.52 -11.62 28.28
CA ALA H 40 -32.88 -10.23 28.55
C ALA H 40 -34.25 -10.11 29.20
N GLY H 41 -35.06 -11.17 29.19
CA GLY H 41 -36.37 -11.15 29.83
C GLY H 41 -37.56 -10.88 28.93
N PHE H 42 -37.66 -11.58 27.81
CA PHE H 42 -38.78 -11.43 26.89
C PHE H 42 -39.58 -12.72 26.80
N SER H 43 -40.53 -12.75 25.89
CA SER H 43 -41.43 -13.88 25.75
C SER H 43 -40.69 -15.09 25.21
N PRO H 44 -40.64 -16.22 25.93
CA PRO H 44 -39.90 -17.38 25.41
C PRO H 44 -40.65 -18.14 24.33
N ASN H 45 -41.96 -17.96 24.20
CA ASN H 45 -42.74 -18.59 23.14
C ASN H 45 -42.75 -17.70 21.90
N HIS H 46 -42.96 -16.40 22.11
CA HIS H 46 -42.85 -15.41 21.03
C HIS H 46 -41.41 -14.92 21.09
N ALA H 47 -40.51 -15.68 20.46
CA ALA H 47 -39.08 -15.47 20.67
C ALA H 47 -38.29 -15.14 19.41
N GLN H 48 -38.33 -16.00 18.39
CA GLN H 48 -37.36 -15.88 17.30
C GLN H 48 -37.70 -14.76 16.32
N ARG H 49 -38.99 -14.42 16.14
CA ARG H 49 -39.32 -13.31 15.25
C ARG H 49 -39.22 -11.98 16.01
N ASN H 50 -39.57 -11.99 17.30
CA ASN H 50 -39.60 -10.74 18.07
C ASN H 50 -38.19 -10.23 18.31
N VAL H 51 -37.21 -11.13 18.45
CA VAL H 51 -35.81 -10.71 18.58
C VAL H 51 -35.31 -10.13 17.26
N ALA H 52 -35.78 -10.67 16.13
CA ALA H 52 -35.38 -10.13 14.82
C ALA H 52 -35.93 -8.71 14.65
N ALA H 53 -37.21 -8.52 14.99
CA ALA H 53 -37.80 -7.18 14.89
C ALA H 53 -37.11 -6.19 15.83
N TYR H 54 -36.84 -6.62 17.07
CA TYR H 54 -36.17 -5.75 18.04
C TYR H 54 -34.77 -5.35 17.53
N HIS H 55 -34.04 -6.31 16.96
CA HIS H 55 -32.70 -6.02 16.45
C HIS H 55 -32.77 -5.06 15.26
N ARG H 56 -33.73 -5.29 14.34
CA ARG H 56 -33.89 -4.40 13.20
C ARG H 56 -34.31 -2.99 13.60
N LYS H 57 -34.93 -2.82 14.79
CA LYS H 57 -35.32 -1.47 15.20
C LYS H 57 -34.12 -0.66 15.68
N HIS H 58 -33.35 -1.23 16.60
CA HIS H 58 -32.31 -0.51 17.34
C HIS H 58 -30.90 -0.82 16.85
N SER H 59 -30.73 -1.00 15.54
CA SER H 59 -29.42 -1.39 15.00
C SER H 59 -28.34 -0.37 15.36
N GLU H 60 -28.67 0.92 15.24
CA GLU H 60 -27.68 1.98 15.47
C GLU H 60 -27.19 1.97 16.92
N TYR H 61 -28.10 1.69 17.86
CA TYR H 61 -27.69 1.60 19.26
C TYR H 61 -26.73 0.43 19.46
N ILE H 62 -27.00 -0.70 18.80
CA ILE H 62 -26.13 -1.87 18.92
C ILE H 62 -24.74 -1.54 18.39
N ASN H 63 -24.66 -0.81 17.27
CA ASN H 63 -23.37 -0.43 16.72
C ASN H 63 -22.62 0.52 17.66
N ALA H 64 -23.33 1.50 18.23
CA ALA H 64 -22.68 2.39 19.19
C ALA H 64 -22.18 1.63 20.42
N PHE H 65 -22.97 0.66 20.89
CA PHE H 65 -22.57 -0.16 22.05
C PHE H 65 -21.32 -0.98 21.73
N ILE H 66 -21.26 -1.56 20.52
CA ILE H 66 -20.10 -2.36 20.18
C ILE H 66 -18.86 -1.47 20.07
N SER H 67 -19.03 -0.26 19.55
CA SER H 67 -17.89 0.65 19.54
C SER H 67 -17.48 1.06 20.95
N GLU H 68 -18.45 1.13 21.88
CA GLU H 68 -18.10 1.41 23.28
C GLU H 68 -17.28 0.28 23.87
N ARG H 69 -17.64 -0.97 23.58
CA ARG H 69 -16.86 -2.09 24.09
C ARG H 69 -15.47 -2.12 23.46
N ILE H 70 -15.35 -1.73 22.19
CA ILE H 70 -14.01 -1.59 21.60
C ILE H 70 -13.21 -0.53 22.35
N GLY H 71 -13.82 0.62 22.62
CA GLY H 71 -13.10 1.66 23.33
C GLY H 71 -12.74 1.29 24.76
N SER H 72 -13.48 0.37 25.38
CA SER H 72 -13.16 -0.03 26.75
C SER H 72 -11.82 -0.75 26.85
N HIS H 73 -11.33 -1.36 25.78
CA HIS H 73 -10.14 -2.18 25.85
C HIS H 73 -8.87 -1.45 25.43
N VAL H 74 -8.95 -0.17 25.08
CA VAL H 74 -7.79 0.55 24.55
C VAL H 74 -6.65 0.74 25.55
N PRO H 75 -6.90 0.93 26.87
CA PRO H 75 -5.74 1.11 27.77
C PRO H 75 -4.85 -0.13 27.84
N MET H 76 -5.45 -1.31 27.78
CA MET H 76 -4.65 -2.53 27.70
C MET H 76 -3.74 -2.47 26.49
N ALA H 77 -4.28 -2.07 25.33
CA ALA H 77 -3.49 -1.97 24.12
C ALA H 77 -2.35 -0.98 24.29
N LEU H 78 -2.62 0.15 24.95
CA LEU H 78 -1.57 1.14 25.17
C LEU H 78 -0.45 0.59 26.05
N ARG H 79 -0.82 -0.12 27.13
CA ARG H 79 0.20 -0.75 27.96
C ARG H 79 1.01 -1.76 27.15
N VAL H 80 0.33 -2.54 26.30
CA VAL H 80 1.03 -3.53 25.48
C VAL H 80 2.04 -2.85 24.57
N ILE H 81 1.62 -1.76 23.91
CA ILE H 81 2.48 -1.09 22.94
C ILE H 81 3.68 -0.44 23.63
N VAL H 82 3.47 0.21 24.78
CA VAL H 82 4.60 0.82 25.49
C VAL H 82 5.55 -0.24 26.04
N SER H 83 5.02 -1.33 26.58
CA SER H 83 5.87 -2.39 27.10
C SER H 83 6.72 -3.01 26.00
N ILE H 84 6.13 -3.22 24.81
CA ILE H 84 6.90 -3.73 23.69
C ILE H 84 7.95 -2.72 23.26
N ALA H 85 7.64 -1.43 23.34
CA ALA H 85 8.61 -0.43 22.91
C ALA H 85 9.82 -0.39 23.85
N GLU H 86 9.60 -0.62 25.15
CA GLU H 86 10.69 -0.54 26.13
C GLU H 86 11.29 -1.90 26.45
N ASP H 87 10.80 -2.98 25.85
CA ASP H 87 11.30 -4.33 26.10
C ASP H 87 12.68 -4.59 25.53
N PRO H 88 13.69 -4.86 26.37
CA PRO H 88 15.03 -5.16 25.84
C PRO H 88 15.14 -6.52 25.18
N ASN H 89 14.19 -7.43 25.40
CA ASN H 89 14.28 -8.78 24.86
C ASN H 89 13.43 -8.96 23.61
N GLU H 90 13.04 -7.88 22.96
CA GLU H 90 12.28 -7.95 21.73
C GLU H 90 13.17 -7.74 20.50
N LYS H 91 12.71 -8.28 19.37
CA LYS H 91 13.37 -8.07 18.08
C LYS H 91 13.43 -6.58 17.77
N GLY H 92 14.46 -6.18 17.02
CA GLY H 92 14.63 -4.77 16.71
C GLY H 92 13.47 -4.20 15.91
N GLY H 93 13.00 -4.96 14.92
CA GLY H 93 11.92 -4.47 14.07
C GLY H 93 10.62 -4.22 14.81
N ILE H 94 10.31 -5.06 15.80
CA ILE H 94 9.06 -4.88 16.55
C ILE H 94 9.15 -3.66 17.45
N ARG H 95 10.28 -3.47 18.13
CA ARG H 95 10.46 -2.24 18.89
C ARG H 95 10.34 -1.02 17.99
N LEU H 96 10.94 -1.07 16.80
CA LEU H 96 10.87 0.07 15.89
C LEU H 96 9.43 0.36 15.49
N LYS H 97 8.65 -0.68 15.17
CA LYS H 97 7.25 -0.46 14.84
C LYS H 97 6.47 0.12 16.03
N ALA H 98 6.76 -0.32 17.25
CA ALA H 98 6.05 0.24 18.40
C ALA H 98 6.38 1.71 18.62
N ALA H 99 7.66 2.06 18.53
CA ALA H 99 8.06 3.46 18.69
C ALA H 99 7.48 4.33 17.58
N GLN H 100 7.51 3.82 16.34
CA GLN H 100 6.86 4.51 15.23
C GLN H 100 5.38 4.69 15.49
N ASP H 101 4.72 3.69 16.05
CA ASP H 101 3.28 3.76 16.26
C ASP H 101 2.93 4.86 17.26
N ILE H 102 3.65 4.90 18.40
CA ILE H 102 3.31 5.94 19.37
C ILE H 102 3.74 7.32 18.87
N LEU H 103 4.83 7.42 18.09
CA LEU H 103 5.21 8.71 17.54
C LEU H 103 4.17 9.22 16.54
N ASP H 104 3.60 8.31 15.74
CA ASP H 104 2.56 8.70 14.79
C ASP H 104 1.31 9.16 15.51
N ARG H 105 0.91 8.42 16.55
CA ARG H 105 -0.24 8.84 17.34
C ARG H 105 0.03 10.12 18.12
N GLY H 106 1.30 10.44 18.38
CA GLY H 106 1.64 11.67 19.06
C GLY H 106 1.59 12.91 18.22
N GLY H 107 1.62 12.78 16.89
CA GLY H 107 1.48 13.94 16.03
C GLY H 107 2.72 14.28 15.25
N PHE H 108 3.44 13.26 14.77
CA PHE H 108 4.65 13.46 13.98
C PHE H 108 4.65 12.45 12.84
N GLY H 109 4.62 12.96 11.61
CA GLY H 109 4.91 12.24 10.35
C GLY H 109 4.79 13.23 9.21
N ALA H 110 4.99 12.85 7.95
CA ALA H 110 4.75 13.84 6.87
C ALA H 110 4.61 13.16 5.52
N LYS H 111 3.96 13.81 4.56
CA LYS H 111 3.92 13.24 3.18
C LYS H 111 3.91 14.37 2.16
N GLN H 112 4.80 14.31 1.18
CA GLN H 112 4.78 15.34 0.11
C GLN H 112 4.42 14.66 -1.19
N LYS H 113 3.31 15.05 -1.80
CA LYS H 113 2.91 14.48 -3.10
C LYS H 113 2.87 15.63 -4.10
N VAL H 114 3.42 15.42 -5.29
CA VAL H 114 3.24 16.43 -6.33
C VAL H 114 2.29 15.91 -7.39
N GLU H 115 1.36 16.76 -7.82
CA GLU H 115 0.31 16.41 -8.75
C GLU H 115 0.63 17.02 -10.12
N LEU H 116 0.16 16.35 -11.17
CA LEU H 116 0.34 16.89 -12.52
C LEU H 116 -0.87 16.45 -13.35
N THR H 117 -1.74 17.40 -13.68
CA THR H 117 -3.00 17.11 -14.37
C THR H 117 -2.84 17.41 -15.85
N THR H 118 -2.78 16.35 -16.66
CA THR H 118 -2.77 16.44 -18.12
C THR H 118 -4.15 16.00 -18.58
N LYS H 119 -5.06 16.96 -18.70
CA LYS H 119 -6.47 16.67 -18.95
C LYS H 119 -6.75 16.59 -20.45
N ASN H 120 -7.73 15.75 -20.81
CA ASN H 120 -8.20 15.60 -22.19
C ASN H 120 -9.58 14.94 -22.24
N ALA I 16 -14.34 17.86 42.09
CA ALA I 16 -14.98 16.71 41.48
C ALA I 16 -14.22 16.27 40.22
N LYS I 17 -13.59 17.24 39.54
CA LYS I 17 -12.75 16.93 38.39
C LYS I 17 -11.42 16.33 38.82
N GLU I 18 -10.92 16.72 39.99
CA GLU I 18 -9.67 16.16 40.48
C GLU I 18 -9.85 14.71 40.92
N LYS I 19 -11.01 14.41 41.54
CA LYS I 19 -11.36 13.02 41.83
C LYS I 19 -11.59 12.24 40.54
N LEU I 20 -12.10 12.91 39.50
CA LEU I 20 -12.23 12.28 38.19
C LEU I 20 -10.87 11.93 37.60
N ASP I 21 -9.89 12.81 37.76
CA ASP I 21 -8.55 12.52 37.25
C ASP I 21 -7.93 11.35 38.01
N LEU I 22 -8.29 11.24 39.29
CA LEU I 22 -7.83 10.11 40.14
C LEU I 22 -8.43 8.82 39.55
N TYR I 23 -9.74 8.84 39.26
CA TYR I 23 -10.42 7.71 38.63
C TYR I 23 -9.83 7.40 37.26
N CYS I 24 -9.47 8.44 36.51
CA CYS I 24 -8.92 8.26 35.17
C CYS I 24 -7.58 7.53 35.22
N GLU I 25 -6.72 7.90 36.15
CA GLU I 25 -5.46 7.18 36.28
C GLU I 25 -5.70 5.74 36.73
N GLY I 26 -6.64 5.54 37.66
CA GLY I 26 -6.95 4.18 38.07
C GLY I 26 -7.49 3.32 36.95
N LEU I 27 -8.29 3.93 36.06
CA LEU I 27 -8.80 3.23 34.90
C LEU I 27 -7.71 2.99 33.85
N ALA I 28 -6.77 3.94 33.72
CA ALA I 28 -5.72 3.82 32.73
C ALA I 28 -4.72 2.73 33.11
N ASP I 29 -4.56 2.45 34.40
CA ASP I 29 -3.58 1.44 34.79
C ASP I 29 -4.21 0.10 35.17
N GLY I 30 -5.29 0.08 35.96
CA GLY I 30 -5.80 -1.18 36.46
C GLY I 30 -6.90 -1.87 35.67
N LEU I 31 -7.37 -1.28 34.57
CA LEU I 31 -8.24 -1.95 33.59
C LEU I 31 -9.45 -2.63 34.25
N ASN I 32 -10.27 -1.82 34.92
CA ASN I 32 -11.59 -2.28 35.35
C ASN I 32 -12.43 -1.06 35.75
N LYS I 33 -13.66 -0.97 35.23
CA LYS I 33 -14.48 0.21 35.47
C LYS I 33 -14.92 0.32 36.92
N THR I 34 -15.49 -0.75 37.47
CA THR I 34 -16.00 -0.72 38.84
C THR I 34 -14.86 -0.62 39.87
N GLN I 35 -13.79 -1.36 39.65
CA GLN I 35 -12.67 -1.32 40.60
C GLN I 35 -12.00 0.05 40.59
N ALA I 36 -11.75 0.62 39.40
CA ALA I 36 -11.17 1.95 39.32
C ALA I 36 -12.13 3.00 39.86
N TYR I 37 -13.44 2.76 39.76
CA TYR I 37 -14.41 3.69 40.34
C TYR I 37 -14.28 3.73 41.86
N VAL I 38 -14.28 2.55 42.49
CA VAL I 38 -14.15 2.51 43.95
C VAL I 38 -12.75 2.88 44.42
N ALA I 39 -11.73 2.71 43.57
CA ALA I 39 -10.36 3.11 43.91
C ALA I 39 -10.16 4.62 43.85
N ALA I 40 -11.05 5.35 43.19
CA ALA I 40 -11.01 6.80 43.21
C ALA I 40 -11.58 7.39 44.49
N GLY I 41 -12.28 6.59 45.28
CA GLY I 41 -12.86 7.05 46.53
C GLY I 41 -14.29 7.46 46.29
N PHE I 42 -15.04 6.60 45.60
CA PHE I 42 -16.42 6.84 45.19
C PHE I 42 -17.35 5.81 45.87
N SER I 43 -18.62 5.80 45.46
CA SER I 43 -19.60 4.92 46.09
C SER I 43 -19.29 3.46 45.76
N PRO I 44 -19.00 2.62 46.76
CA PRO I 44 -18.59 1.23 46.46
C PRO I 44 -19.75 0.28 46.26
N ASN I 45 -20.95 0.63 46.69
CA ASN I 45 -22.03 -0.35 46.62
C ASN I 45 -22.67 -0.45 45.23
N HIS I 46 -23.04 0.66 44.62
CA HIS I 46 -23.83 0.57 43.40
C HIS I 46 -22.88 0.95 42.25
N ALA I 47 -22.40 -0.07 41.51
CA ALA I 47 -21.29 0.02 40.56
C ALA I 47 -21.69 -0.10 39.10
N GLN I 48 -22.48 -1.10 38.71
CA GLN I 48 -22.70 -1.35 37.29
C GLN I 48 -23.56 -0.27 36.64
N ARG I 49 -24.44 0.42 37.38
CA ARG I 49 -25.25 1.51 36.81
C ARG I 49 -24.59 2.88 36.85
N ASN I 50 -23.97 3.27 37.97
CA ASN I 50 -23.48 4.65 38.03
C ASN I 50 -22.21 4.83 37.22
N VAL I 51 -21.39 3.78 37.13
CA VAL I 51 -20.16 3.89 36.35
C VAL I 51 -20.48 4.05 34.87
N ALA I 52 -21.55 3.41 34.40
CA ALA I 52 -21.94 3.55 33.00
C ALA I 52 -22.32 4.99 32.67
N ALA I 53 -23.15 5.61 33.51
CA ALA I 53 -23.56 6.99 33.29
C ALA I 53 -22.37 7.94 33.40
N TYR I 54 -21.52 7.75 34.40
CA TYR I 54 -20.35 8.61 34.53
C TYR I 54 -19.42 8.48 33.33
N HIS I 55 -19.20 7.25 32.86
CA HIS I 55 -18.29 7.01 31.76
C HIS I 55 -18.80 7.62 30.46
N ARG I 56 -20.08 7.41 30.12
CA ARG I 56 -20.62 8.05 28.93
C ARG I 56 -20.76 9.56 29.12
N LYS I 57 -20.75 10.03 30.38
CA LYS I 57 -20.88 11.47 30.63
C LYS I 57 -19.59 12.20 30.28
N HIS I 58 -18.44 11.70 30.74
CA HIS I 58 -17.15 12.36 30.56
C HIS I 58 -16.31 11.71 29.46
N SER I 59 -16.94 11.23 28.39
CA SER I 59 -16.21 10.51 27.34
C SER I 59 -15.11 11.36 26.74
N GLU I 60 -15.42 12.63 26.42
CA GLU I 60 -14.43 13.51 25.79
C GLU I 60 -13.26 13.77 26.72
N TYR I 61 -13.52 13.91 28.02
CA TYR I 61 -12.44 14.10 28.97
C TYR I 61 -11.54 12.87 29.05
N ILE I 62 -12.13 11.66 29.03
CA ILE I 62 -11.33 10.45 29.06
C ILE I 62 -10.47 10.36 27.80
N ASN I 63 -11.05 10.73 26.64
CA ASN I 63 -10.29 10.67 25.39
C ASN I 63 -9.11 11.65 25.43
N ALA I 64 -9.33 12.86 25.93
CA ALA I 64 -8.23 13.81 26.06
C ALA I 64 -7.19 13.28 27.03
N PHE I 65 -7.63 12.64 28.12
CA PHE I 65 -6.71 12.04 29.08
C PHE I 65 -5.83 10.99 28.44
N ILE I 66 -6.44 10.10 27.66
CA ILE I 66 -5.69 9.01 27.05
C ILE I 66 -4.76 9.54 25.97
N SER I 67 -5.18 10.58 25.22
CA SER I 67 -4.30 11.15 24.21
C SER I 67 -3.12 11.88 24.82
N GLU I 68 -3.31 12.50 25.98
CA GLU I 68 -2.15 13.07 26.66
C GLU I 68 -1.23 11.98 27.17
N ARG I 69 -1.79 10.87 27.65
CA ARG I 69 -0.95 9.77 28.12
C ARG I 69 -0.16 9.16 26.97
N ILE I 70 -0.78 9.07 25.79
CA ILE I 70 -0.07 8.62 24.59
C ILE I 70 1.07 9.57 24.27
N GLY I 71 0.82 10.88 24.33
CA GLY I 71 1.92 11.80 24.08
C GLY I 71 3.03 11.75 25.10
N SER I 72 2.74 11.30 26.32
CA SER I 72 3.76 11.29 27.36
C SER I 72 4.92 10.35 27.06
N HIS I 73 4.73 9.34 26.21
CA HIS I 73 5.74 8.32 25.95
C HIS I 73 6.63 8.64 24.74
N VAL I 74 6.47 9.82 24.14
CA VAL I 74 7.17 10.20 22.91
C VAL I 74 8.69 10.28 23.08
N PRO I 75 9.22 10.78 24.20
CA PRO I 75 10.69 10.79 24.33
C PRO I 75 11.28 9.39 24.39
N MET I 76 10.59 8.46 25.05
CA MET I 76 11.03 7.07 25.05
C MET I 76 11.09 6.53 23.62
N ALA I 77 10.06 6.79 22.82
CA ALA I 77 10.04 6.30 21.45
C ALA I 77 11.18 6.90 20.64
N LEU I 78 11.42 8.19 20.80
CA LEU I 78 12.50 8.84 20.06
C LEU I 78 13.84 8.22 20.43
N ARG I 79 14.07 8.01 21.73
CA ARG I 79 15.31 7.38 22.17
C ARG I 79 15.43 5.96 21.62
N VAL I 80 14.34 5.19 21.59
CA VAL I 80 14.40 3.83 21.06
C VAL I 80 14.82 3.86 19.59
N ILE I 81 14.22 4.78 18.82
CA ILE I 81 14.50 4.83 17.39
C ILE I 81 15.94 5.26 17.14
N VAL I 82 16.44 6.24 17.89
CA VAL I 82 17.83 6.64 17.69
C VAL I 82 18.77 5.50 18.09
N SER I 83 18.45 4.76 19.17
CA SER I 83 19.33 3.67 19.57
C SER I 83 19.39 2.59 18.50
N ILE I 84 18.24 2.25 17.90
CA ILE I 84 18.21 1.26 16.83
C ILE I 84 18.97 1.77 15.61
N ALA I 85 18.90 3.07 15.34
CA ALA I 85 19.65 3.59 14.20
C ALA I 85 21.16 3.54 14.44
N GLU I 86 21.61 3.72 15.69
CA GLU I 86 23.04 3.79 15.98
C GLU I 86 23.65 2.45 16.38
N ASP I 87 22.87 1.40 16.55
CA ASP I 87 23.40 0.10 16.96
C ASP I 87 24.13 -0.61 15.86
N PRO I 88 25.45 -0.86 15.96
CA PRO I 88 26.17 -1.57 14.90
C PRO I 88 25.86 -3.07 14.86
N ASN I 89 25.32 -3.63 15.93
CA ASN I 89 24.99 -5.06 16.00
C ASN I 89 23.51 -5.31 15.76
N GLU I 90 22.81 -4.37 15.14
CA GLU I 90 21.43 -4.54 14.73
C GLU I 90 21.44 -4.94 13.27
N LYS I 91 20.40 -5.66 12.84
CA LYS I 91 20.29 -6.04 11.44
C LYS I 91 20.23 -4.80 10.55
N GLY I 92 20.72 -4.95 9.32
CA GLY I 92 20.80 -3.81 8.41
C GLY I 92 19.44 -3.23 8.03
N GLY I 93 18.46 -4.10 7.77
CA GLY I 93 17.16 -3.61 7.34
C GLY I 93 16.48 -2.75 8.40
N ILE I 94 16.65 -3.12 9.68
CA ILE I 94 16.03 -2.39 10.76
C ILE I 94 16.71 -1.03 10.96
N ARG I 95 18.05 -1.01 10.88
CA ARG I 95 18.77 0.26 10.93
C ARG I 95 18.33 1.19 9.81
N LEU I 96 18.21 0.66 8.59
CA LEU I 96 17.81 1.51 7.47
C LEU I 96 16.41 2.06 7.68
N LYS I 97 15.47 1.21 8.14
CA LYS I 97 14.12 1.68 8.35
C LYS I 97 14.08 2.77 9.42
N ALA I 98 14.89 2.63 10.48
CA ALA I 98 14.91 3.66 11.52
C ALA I 98 15.50 4.97 11.02
N ALA I 99 16.61 4.92 10.29
CA ALA I 99 17.20 6.16 9.78
C ALA I 99 16.26 6.85 8.80
N GLN I 100 15.66 6.07 7.91
CA GLN I 100 14.64 6.60 7.00
C GLN I 100 13.50 7.23 7.78
N ASP I 101 13.07 6.60 8.88
CA ASP I 101 11.95 7.11 9.66
C ASP I 101 12.27 8.45 10.28
N ILE I 102 13.46 8.59 10.87
CA ILE I 102 13.74 9.91 11.45
C ILE I 102 13.94 10.93 10.33
N LEU I 103 14.45 10.50 9.16
CA LEU I 103 14.59 11.44 8.07
C LEU I 103 13.22 11.91 7.55
N ASP I 104 12.24 10.99 7.53
CA ASP I 104 10.89 11.34 7.10
C ASP I 104 10.24 12.30 8.10
N ARG I 105 10.41 12.04 9.40
CA ARG I 105 9.87 12.95 10.41
C ARG I 105 10.61 14.28 10.49
N GLY I 106 11.86 14.34 10.03
CA GLY I 106 12.58 15.60 10.07
C GLY I 106 12.20 16.59 8.99
N GLY I 107 11.56 16.12 7.91
CA GLY I 107 11.05 17.02 6.90
C GLY I 107 11.75 16.93 5.55
N PHE I 108 12.14 15.74 5.12
CA PHE I 108 12.81 15.54 3.83
C PHE I 108 12.20 14.31 3.17
N GLY I 109 11.50 14.49 2.04
CA GLY I 109 10.69 13.37 1.56
C GLY I 109 10.52 13.10 0.08
N ALA I 110 9.28 12.78 -0.31
CA ALA I 110 8.95 12.11 -1.55
C ALA I 110 8.57 13.13 -2.64
N LYS I 111 8.00 12.64 -3.73
CA LYS I 111 7.93 13.40 -4.98
C LYS I 111 6.67 13.01 -5.76
N GLN I 112 6.70 13.22 -7.09
CA GLN I 112 5.54 13.51 -7.94
C GLN I 112 4.64 12.31 -8.26
N LYS I 113 3.50 12.67 -8.86
CA LYS I 113 2.48 11.78 -9.39
C LYS I 113 1.75 12.56 -10.48
N VAL I 114 1.66 12.00 -11.68
CA VAL I 114 1.04 12.66 -12.83
C VAL I 114 -0.29 12.00 -13.16
N GLU I 115 -1.29 12.85 -13.45
CA GLU I 115 -2.67 12.48 -13.74
C GLU I 115 -3.01 12.71 -15.21
N LEU I 116 -3.95 11.90 -15.71
CA LEU I 116 -4.49 12.08 -17.07
C LEU I 116 -5.95 11.64 -17.01
N THR I 117 -6.86 12.63 -16.97
CA THR I 117 -8.29 12.40 -16.78
C THR I 117 -9.05 12.53 -18.09
N THR I 118 -9.66 11.44 -18.54
CA THR I 118 -10.51 11.49 -19.74
C THR I 118 -12.01 11.48 -19.37
#